data_1VAZ
#
_entry.id   1VAZ
#
_entity_poly.entity_id   1
_entity_poly.type   'polypeptide(L)'
_entity_poly.pdbx_seq_one_letter_code
;MRGSHHHHHHGSERRRHSGQDVHVVLKLWKTGFSLDNGDLRSYQDPSNAQFLESIRRGEVPAELRRLAHGGQVNLDMEDH
RDEDFVKP
;
_entity_poly.pdbx_strand_id   A
#
# COMPACT_ATOMS: atom_id res chain seq x y z
N GLU A 13 -21.22 -16.05 2.03
CA GLU A 13 -21.68 -17.08 3.00
C GLU A 13 -21.48 -16.59 4.43
N ARG A 14 -21.10 -17.47 5.32
CA ARG A 14 -20.89 -17.04 6.74
C ARG A 14 -20.15 -15.70 6.78
N ARG A 15 -20.59 -14.81 7.63
CA ARG A 15 -19.91 -13.48 7.72
C ARG A 15 -20.23 -12.81 9.05
N ARG A 16 -20.15 -11.50 9.11
CA ARG A 16 -20.45 -10.80 10.39
C ARG A 16 -19.53 -11.30 11.51
N HIS A 17 -18.25 -11.34 11.27
CA HIS A 17 -17.32 -11.82 12.32
C HIS A 17 -16.58 -10.65 12.96
N SER A 18 -16.62 -9.50 12.33
CA SER A 18 -15.91 -8.31 12.91
C SER A 18 -16.42 -7.03 12.25
N GLY A 19 -16.23 -5.91 12.89
CA GLY A 19 -16.69 -4.62 12.30
C GLY A 19 -15.54 -3.93 11.59
N GLN A 20 -14.64 -3.34 12.33
CA GLN A 20 -13.47 -2.66 11.70
C GLN A 20 -12.92 -3.51 10.56
N ASP A 21 -12.22 -2.90 9.64
CA ASP A 21 -11.65 -3.68 8.50
C ASP A 21 -10.26 -3.14 8.14
N VAL A 22 -9.48 -3.92 7.43
CA VAL A 22 -8.13 -3.47 7.05
C VAL A 22 -8.16 -2.84 5.66
N HIS A 23 -8.23 -1.54 5.58
CA HIS A 23 -8.28 -0.87 4.25
C HIS A 23 -7.16 0.18 4.15
N VAL A 24 -6.61 0.36 2.98
CA VAL A 24 -5.52 1.36 2.82
C VAL A 24 -5.39 1.77 1.35
N VAL A 25 -4.65 2.81 1.07
CA VAL A 25 -4.48 3.26 -0.34
C VAL A 25 -3.00 3.45 -0.66
N LEU A 26 -2.49 2.72 -1.63
CA LEU A 26 -1.05 2.85 -1.98
C LEU A 26 -0.90 3.38 -3.42
N LYS A 27 -0.23 4.48 -3.59
CA LYS A 27 -0.04 5.03 -4.95
C LYS A 27 1.25 4.46 -5.56
N LEU A 28 1.29 4.29 -6.85
CA LEU A 28 2.52 3.73 -7.47
C LEU A 28 3.22 4.78 -8.33
N TRP A 29 4.39 5.20 -7.92
CA TRP A 29 5.14 6.22 -8.71
C TRP A 29 6.00 5.52 -9.78
N LYS A 30 6.57 6.27 -10.68
CA LYS A 30 7.41 5.65 -11.76
C LYS A 30 8.22 4.47 -11.22
N THR A 31 8.93 4.66 -10.14
CA THR A 31 9.75 3.54 -9.58
C THR A 31 9.61 3.50 -8.07
N GLY A 32 8.53 4.02 -7.56
CA GLY A 32 8.31 4.02 -6.09
C GLY A 32 6.82 3.98 -5.81
N PHE A 33 6.43 3.45 -4.68
CA PHE A 33 4.98 3.39 -4.34
C PHE A 33 4.73 3.99 -2.96
N SER A 34 3.68 4.77 -2.82
CA SER A 34 3.39 5.39 -1.49
C SER A 34 2.19 4.69 -0.83
N LEU A 35 1.87 5.10 0.36
CA LEU A 35 0.72 4.48 1.07
C LEU A 35 0.23 5.40 2.20
N ASP A 36 -0.91 6.00 2.03
CA ASP A 36 -1.45 6.91 3.07
C ASP A 36 -0.46 8.05 3.35
N ASN A 37 -0.75 8.88 4.32
CA ASN A 37 0.17 10.00 4.63
C ASN A 37 1.63 9.53 4.61
N GLY A 38 1.85 8.27 4.87
CA GLY A 38 3.25 7.74 4.87
C GLY A 38 4.03 8.36 3.72
N ASP A 39 5.34 8.33 3.80
CA ASP A 39 6.17 8.91 2.71
C ASP A 39 6.20 7.98 1.49
N LEU A 40 6.96 8.33 0.50
CA LEU A 40 7.04 7.46 -0.71
C LEU A 40 8.00 6.29 -0.46
N ARG A 41 7.57 5.09 -0.73
CA ARG A 41 8.46 3.91 -0.51
C ARG A 41 9.23 3.58 -1.79
N SER A 42 10.40 3.04 -1.67
CA SER A 42 11.20 2.70 -2.88
C SER A 42 10.88 1.29 -3.36
N TYR A 43 10.55 1.14 -4.61
CA TYR A 43 10.24 -0.22 -5.14
C TYR A 43 11.29 -1.22 -4.65
N GLN A 44 12.45 -0.74 -4.28
CA GLN A 44 13.52 -1.65 -3.79
C GLN A 44 13.73 -1.47 -2.27
N ASP A 45 13.01 -0.56 -1.67
CA ASP A 45 13.17 -0.33 -0.20
C ASP A 45 12.76 -1.59 0.58
N PRO A 46 12.64 -1.42 1.87
CA PRO A 46 12.27 -2.57 2.74
C PRO A 46 10.74 -2.75 2.77
N SER A 47 10.01 -1.78 3.26
CA SER A 47 8.53 -1.91 3.32
C SER A 47 8.00 -2.51 2.01
N ASN A 48 8.68 -2.31 0.93
CA ASN A 48 8.21 -2.86 -0.36
C ASN A 48 8.19 -4.38 -0.31
N ALA A 49 8.70 -4.97 0.74
CA ALA A 49 8.71 -6.45 0.84
C ALA A 49 7.26 -6.95 0.82
N GLN A 50 6.46 -6.50 1.74
CA GLN A 50 5.04 -6.94 1.75
C GLN A 50 4.25 -6.15 0.71
N PHE A 51 4.64 -4.93 0.45
CA PHE A 51 3.92 -4.13 -0.57
C PHE A 51 4.01 -4.84 -1.91
N LEU A 52 5.20 -5.01 -2.40
CA LEU A 52 5.36 -5.70 -3.70
C LEU A 52 4.69 -7.07 -3.65
N GLU A 53 4.92 -7.81 -2.62
CA GLU A 53 4.30 -9.16 -2.50
C GLU A 53 2.78 -9.04 -2.33
N SER A 54 2.35 -8.31 -1.34
CA SER A 54 0.89 -8.17 -1.09
C SER A 54 0.24 -7.30 -2.16
N ILE A 55 0.69 -6.09 -2.32
CA ILE A 55 0.08 -5.20 -3.35
C ILE A 55 -0.07 -5.99 -4.64
N ARG A 56 0.92 -6.77 -4.97
CA ARG A 56 0.83 -7.59 -6.22
C ARG A 56 -0.39 -8.51 -6.12
N ARG A 57 -0.54 -9.18 -5.02
CA ARG A 57 -1.69 -10.10 -4.85
C ARG A 57 -2.95 -9.31 -4.48
N GLY A 58 -2.79 -8.20 -3.82
CA GLY A 58 -3.97 -7.38 -3.44
C GLY A 58 -3.95 -7.10 -1.94
N GLU A 59 -2.82 -6.79 -1.39
CA GLU A 59 -2.74 -6.50 0.08
C GLU A 59 -1.76 -5.34 0.36
N VAL A 60 -2.00 -4.59 1.39
CA VAL A 60 -1.09 -3.46 1.72
C VAL A 60 0.04 -3.94 2.64
N PRO A 61 1.17 -3.33 2.50
CA PRO A 61 2.35 -3.70 3.32
C PRO A 61 2.20 -3.30 4.80
N ALA A 62 1.51 -2.24 5.08
CA ALA A 62 1.36 -1.80 6.51
C ALA A 62 -0.01 -2.21 7.09
N GLU A 63 -1.07 -1.67 6.55
CA GLU A 63 -2.42 -1.99 7.08
C GLU A 63 -2.66 -3.51 7.12
N LEU A 64 -1.96 -4.26 6.33
CA LEU A 64 -2.18 -5.73 6.35
C LEU A 64 -1.45 -6.34 7.54
N ARG A 65 -0.39 -5.72 7.96
CA ARG A 65 0.32 -6.28 9.12
C ARG A 65 -0.54 -6.04 10.37
N ARG A 66 -1.25 -4.96 10.38
CA ARG A 66 -2.12 -4.67 11.54
C ARG A 66 -3.26 -5.71 11.61
N LEU A 67 -4.02 -5.84 10.55
CA LEU A 67 -5.12 -6.81 10.54
C LEU A 67 -4.74 -8.09 9.79
N ALA A 68 -4.43 -7.97 8.53
CA ALA A 68 -4.07 -9.18 7.72
C ALA A 68 -3.12 -10.09 8.50
N HIS A 69 -1.95 -9.60 8.82
CA HIS A 69 -0.98 -10.43 9.58
C HIS A 69 -0.37 -11.50 8.67
N GLY A 70 0.01 -11.13 7.48
CA GLY A 70 0.60 -12.13 6.55
C GLY A 70 0.71 -11.52 5.16
N GLY A 71 -0.39 -11.10 4.60
CA GLY A 71 -0.36 -10.51 3.24
C GLY A 71 -1.76 -10.53 2.62
N GLN A 72 -2.70 -9.92 3.27
CA GLN A 72 -4.08 -9.90 2.73
C GLN A 72 -4.83 -8.63 3.19
N VAL A 73 -4.96 -7.66 2.34
CA VAL A 73 -5.66 -6.42 2.73
C VAL A 73 -6.30 -5.73 1.51
N ASN A 74 -7.38 -5.02 1.71
CA ASN A 74 -8.03 -4.32 0.57
C ASN A 74 -7.36 -2.96 0.36
N LEU A 75 -6.70 -2.76 -0.76
CA LEU A 75 -6.01 -1.47 -0.99
C LEU A 75 -6.48 -0.81 -2.29
N ASP A 76 -6.30 0.48 -2.38
CA ASP A 76 -6.69 1.20 -3.62
C ASP A 76 -5.44 1.67 -4.36
N MET A 77 -5.15 1.08 -5.49
CA MET A 77 -3.93 1.48 -6.24
C MET A 77 -4.16 2.80 -7.00
N GLU A 78 -3.49 3.84 -6.59
CA GLU A 78 -3.66 5.15 -7.28
C GLU A 78 -2.86 5.17 -8.59
N ASP A 79 -3.52 5.42 -9.69
CA ASP A 79 -2.81 5.44 -10.99
C ASP A 79 -2.16 6.80 -11.25
N HIS A 80 -0.87 6.89 -11.13
CA HIS A 80 -0.17 8.18 -11.36
C HIS A 80 1.31 7.92 -11.68
N ARG A 81 1.58 7.22 -12.75
CA ARG A 81 3.00 6.93 -13.10
C ARG A 81 3.64 8.13 -13.79
N ASP A 82 3.13 8.51 -14.93
CA ASP A 82 3.71 9.67 -15.65
C ASP A 82 3.19 10.98 -15.06
N GLU A 83 2.55 10.93 -13.92
CA GLU A 83 2.02 12.17 -13.30
C GLU A 83 2.49 12.31 -11.85
N ASP A 84 3.18 11.33 -11.33
CA ASP A 84 3.65 11.42 -9.93
C ASP A 84 5.11 10.96 -9.81
N PHE A 85 5.85 11.56 -8.91
CA PHE A 85 7.28 11.16 -8.74
C PHE A 85 7.93 10.90 -10.10
N VAL A 86 8.14 11.94 -10.87
CA VAL A 86 8.77 11.75 -12.21
C VAL A 86 10.29 11.69 -12.08
N LYS A 87 10.81 10.53 -11.80
CA LYS A 87 12.30 10.40 -11.67
C LYS A 87 12.98 10.93 -12.94
N PRO A 88 12.44 10.58 -14.07
CA PRO A 88 13.02 11.02 -15.36
C PRO A 88 12.62 12.48 -15.65
N GLU A 13 -25.24 5.22 -0.61
CA GLU A 13 -25.65 4.71 0.73
C GLU A 13 -24.77 3.52 1.14
N ARG A 14 -24.59 2.57 0.25
CA ARG A 14 -23.75 1.39 0.58
C ARG A 14 -22.27 1.71 0.34
N ARG A 15 -21.49 1.77 1.38
CA ARG A 15 -20.05 2.07 1.21
C ARG A 15 -19.19 1.10 2.04
N ARG A 16 -17.95 1.42 2.27
CA ARG A 16 -17.07 0.52 3.05
C ARG A 16 -17.82 0.03 4.30
N HIS A 17 -18.50 0.90 4.99
CA HIS A 17 -19.24 0.48 6.21
C HIS A 17 -18.34 -0.35 7.13
N SER A 18 -17.21 0.18 7.49
CA SER A 18 -16.27 -0.58 8.39
C SER A 18 -15.74 -1.81 7.67
N GLY A 19 -16.56 -2.82 7.48
CA GLY A 19 -16.09 -4.05 6.79
C GLY A 19 -14.85 -4.58 7.49
N GLN A 20 -13.68 -4.25 7.01
CA GLN A 20 -12.43 -4.73 7.65
C GLN A 20 -11.74 -3.59 8.38
N ASP A 21 -10.90 -3.89 9.34
CA ASP A 21 -10.20 -2.82 10.08
C ASP A 21 -8.82 -2.57 9.48
N VAL A 22 -8.70 -2.86 8.23
CA VAL A 22 -7.42 -2.66 7.54
C VAL A 22 -7.66 -2.17 6.09
N HIS A 23 -7.59 -0.88 5.89
CA HIS A 23 -7.80 -0.33 4.51
C HIS A 23 -6.70 0.67 4.18
N VAL A 24 -6.30 0.73 2.93
CA VAL A 24 -5.22 1.69 2.57
C VAL A 24 -5.23 1.98 1.05
N VAL A 25 -4.87 3.18 0.67
CA VAL A 25 -4.84 3.53 -0.78
C VAL A 25 -3.45 3.26 -1.35
N LEU A 26 -3.36 2.48 -2.39
CA LEU A 26 -2.03 2.16 -2.98
C LEU A 26 -1.69 3.08 -4.15
N LYS A 27 -0.72 3.93 -4.00
CA LYS A 27 -0.33 4.84 -5.10
C LYS A 27 1.04 4.44 -5.63
N LEU A 28 1.36 4.77 -6.85
CA LEU A 28 2.69 4.39 -7.40
C LEU A 28 3.36 5.59 -8.09
N TRP A 29 4.52 5.97 -7.63
CA TRP A 29 5.23 7.12 -8.25
C TRP A 29 6.20 6.60 -9.33
N LYS A 30 6.97 7.48 -9.92
CA LYS A 30 7.92 7.07 -11.00
C LYS A 30 8.54 5.70 -10.72
N THR A 31 8.64 5.30 -9.49
CA THR A 31 9.25 3.97 -9.18
C THR A 31 9.06 3.64 -7.71
N GLY A 32 8.02 4.16 -7.12
CA GLY A 32 7.77 3.90 -5.68
C GLY A 32 6.28 3.96 -5.40
N PHE A 33 5.84 3.27 -4.39
CA PHE A 33 4.39 3.30 -4.06
C PHE A 33 4.18 3.87 -2.66
N SER A 34 3.28 4.81 -2.51
CA SER A 34 3.04 5.43 -1.17
C SER A 34 1.73 4.92 -0.58
N LEU A 35 1.42 5.33 0.62
CA LEU A 35 0.16 4.88 1.26
C LEU A 35 -0.07 5.65 2.57
N ASP A 36 -1.21 6.27 2.72
CA ASP A 36 -1.48 7.05 3.96
C ASP A 36 -0.42 8.13 4.16
N ASN A 37 -0.59 8.97 5.14
CA ASN A 37 0.41 10.05 5.37
C ASN A 37 1.82 9.44 5.48
N GLY A 38 1.91 8.19 5.81
CA GLY A 38 3.25 7.54 5.93
C GLY A 38 4.15 8.01 4.80
N ASP A 39 5.44 7.84 4.95
CA ASP A 39 6.39 8.27 3.88
C ASP A 39 6.22 7.42 2.63
N LEU A 40 6.81 7.82 1.54
CA LEU A 40 6.69 7.02 0.28
C LEU A 40 7.45 5.70 0.41
N ARG A 41 7.12 4.73 -0.39
CA ARG A 41 7.82 3.41 -0.29
C ARG A 41 8.68 3.20 -1.54
N SER A 42 9.85 2.63 -1.36
CA SER A 42 10.74 2.39 -2.53
C SER A 42 10.51 0.99 -3.11
N TYR A 43 10.27 0.90 -4.38
CA TYR A 43 10.03 -0.44 -5.00
C TYR A 43 11.10 -1.44 -4.52
N GLN A 44 12.20 -0.96 -4.04
CA GLN A 44 13.27 -1.88 -3.56
C GLN A 44 13.48 -1.73 -2.05
N ASP A 45 12.73 -0.88 -1.41
CA ASP A 45 12.90 -0.70 0.06
C ASP A 45 12.54 -1.99 0.82
N PRO A 46 12.47 -1.87 2.11
CA PRO A 46 12.13 -3.04 2.96
C PRO A 46 10.62 -3.24 3.04
N SER A 47 9.91 -2.30 3.60
CA SER A 47 8.43 -2.43 3.71
C SER A 47 7.85 -2.95 2.39
N ASN A 48 8.52 -2.71 1.30
CA ASN A 48 8.01 -3.19 0.00
C ASN A 48 7.98 -4.72 -0.03
N ALA A 49 8.53 -5.35 0.96
CA ALA A 49 8.53 -6.84 0.99
C ALA A 49 7.09 -7.33 0.96
N GLN A 50 6.29 -6.91 1.89
CA GLN A 50 4.86 -7.33 1.91
C GLN A 50 4.06 -6.46 0.93
N PHE A 51 4.45 -5.23 0.79
CA PHE A 51 3.71 -4.32 -0.15
C PHE A 51 3.91 -4.79 -1.59
N LEU A 52 5.12 -4.92 -2.01
CA LEU A 52 5.38 -5.34 -3.41
C LEU A 52 4.94 -6.80 -3.65
N GLU A 53 5.26 -7.68 -2.74
CA GLU A 53 4.89 -9.12 -2.96
C GLU A 53 3.39 -9.36 -2.70
N SER A 54 2.90 -8.94 -1.58
CA SER A 54 1.46 -9.15 -1.28
C SER A 54 0.61 -8.41 -2.30
N ILE A 55 0.81 -7.14 -2.43
CA ILE A 55 0.02 -6.36 -3.42
C ILE A 55 0.14 -7.02 -4.79
N ARG A 56 1.32 -7.48 -5.13
CA ARG A 56 1.48 -8.16 -6.44
C ARG A 56 0.64 -9.43 -6.45
N ARG A 57 0.29 -9.94 -5.30
CA ARG A 57 -0.54 -11.17 -5.25
C ARG A 57 -2.02 -10.77 -5.23
N GLY A 58 -2.29 -9.53 -4.93
CA GLY A 58 -3.70 -9.06 -4.89
C GLY A 58 -3.74 -7.63 -4.36
N GLU A 59 -3.91 -7.47 -3.08
CA GLU A 59 -3.97 -6.10 -2.50
C GLU A 59 -3.50 -6.10 -1.04
N VAL A 60 -2.23 -5.92 -0.81
CA VAL A 60 -1.72 -5.91 0.59
C VAL A 60 -0.46 -5.04 0.71
N PRO A 61 -0.65 -3.86 1.22
CA PRO A 61 0.47 -2.90 1.39
C PRO A 61 1.15 -3.10 2.75
N ALA A 62 1.81 -2.08 3.24
CA ALA A 62 2.48 -2.19 4.57
C ALA A 62 1.43 -2.06 5.67
N GLU A 63 0.61 -1.05 5.61
CA GLU A 63 -0.45 -0.88 6.64
C GLU A 63 -1.08 -2.25 6.87
N LEU A 64 -1.04 -3.09 5.86
CA LEU A 64 -1.61 -4.45 6.00
C LEU A 64 -0.87 -5.19 7.11
N ARG A 65 0.43 -5.15 7.08
CA ARG A 65 1.22 -5.82 8.14
C ARG A 65 0.82 -5.22 9.48
N ARG A 66 0.34 -4.00 9.46
CA ARG A 66 -0.09 -3.34 10.73
C ARG A 66 -1.28 -4.08 11.32
N LEU A 67 -2.36 -4.15 10.59
CA LEU A 67 -3.56 -4.85 11.11
C LEU A 67 -3.69 -6.26 10.51
N ALA A 68 -3.76 -6.35 9.21
CA ALA A 68 -3.90 -7.69 8.57
C ALA A 68 -2.89 -8.67 9.17
N HIS A 69 -1.63 -8.39 9.01
CA HIS A 69 -0.59 -9.32 9.58
C HIS A 69 -0.70 -10.70 8.94
N GLY A 70 -0.33 -10.81 7.69
CA GLY A 70 -0.41 -12.13 7.01
C GLY A 70 -0.39 -11.90 5.50
N GLY A 71 -0.76 -10.73 5.07
CA GLY A 71 -0.76 -10.43 3.62
C GLY A 71 -2.19 -10.41 3.09
N GLN A 72 -3.06 -9.74 3.77
CA GLN A 72 -4.49 -9.67 3.32
C GLN A 72 -5.12 -8.35 3.77
N VAL A 73 -5.30 -7.42 2.87
CA VAL A 73 -5.92 -6.13 3.24
C VAL A 73 -6.68 -5.51 2.07
N ASN A 74 -7.70 -4.76 2.36
CA ASN A 74 -8.50 -4.12 1.26
C ASN A 74 -7.78 -2.86 0.78
N LEU A 75 -6.94 -2.97 -0.21
CA LEU A 75 -6.22 -1.78 -0.71
C LEU A 75 -6.52 -1.56 -2.20
N ASP A 76 -6.33 -0.36 -2.67
CA ASP A 76 -6.59 -0.08 -4.11
C ASP A 76 -5.40 0.66 -4.72
N MET A 77 -5.29 0.63 -6.02
CA MET A 77 -4.15 1.33 -6.69
C MET A 77 -4.50 2.79 -6.97
N GLU A 78 -3.53 3.60 -7.27
CA GLU A 78 -3.81 5.03 -7.57
C GLU A 78 -2.80 5.57 -8.59
N ASP A 79 -3.28 5.95 -9.74
CA ASP A 79 -2.37 6.50 -10.79
C ASP A 79 -2.19 8.00 -10.61
N HIS A 80 -0.98 8.44 -10.40
CA HIS A 80 -0.74 9.90 -10.23
C HIS A 80 0.72 10.23 -10.57
N ARG A 81 1.12 9.97 -11.77
CA ARG A 81 2.52 10.25 -12.18
C ARG A 81 2.71 11.75 -12.38
N ASP A 82 1.68 12.44 -12.76
CA ASP A 82 1.82 13.91 -12.93
C ASP A 82 2.39 14.49 -11.63
N GLU A 83 2.33 13.72 -10.58
CA GLU A 83 2.87 14.19 -9.27
C GLU A 83 3.71 13.06 -8.63
N ASP A 84 4.71 12.60 -9.33
CA ASP A 84 5.56 11.51 -8.78
C ASP A 84 6.47 12.04 -7.68
N PHE A 85 6.78 11.21 -6.71
CA PHE A 85 7.66 11.65 -5.60
C PHE A 85 9.04 12.03 -6.12
N VAL A 86 9.45 13.25 -5.91
CA VAL A 86 10.79 13.69 -6.39
C VAL A 86 11.54 14.42 -5.27
N LYS A 87 12.82 14.62 -5.44
CA LYS A 87 13.61 15.31 -4.38
C LYS A 87 12.83 16.51 -3.84
N PRO A 88 12.78 16.61 -2.54
CA PRO A 88 12.05 17.73 -1.89
C PRO A 88 12.85 19.03 -2.04
N GLU A 13 -27.44 -13.30 3.93
CA GLU A 13 -27.99 -12.54 2.77
C GLU A 13 -26.87 -12.02 1.88
N ARG A 14 -26.04 -11.14 2.40
CA ARG A 14 -24.91 -10.61 1.58
C ARG A 14 -23.75 -11.59 1.57
N ARG A 15 -22.60 -11.16 1.10
CA ARG A 15 -21.42 -12.08 1.08
C ARG A 15 -20.81 -12.21 2.47
N ARG A 16 -19.54 -12.46 2.56
CA ARG A 16 -18.89 -12.59 3.89
C ARG A 16 -17.64 -11.70 3.97
N HIS A 17 -17.76 -10.56 4.58
CA HIS A 17 -16.58 -9.65 4.69
C HIS A 17 -16.93 -8.45 5.58
N SER A 18 -17.60 -8.68 6.68
CA SER A 18 -17.95 -7.55 7.58
C SER A 18 -17.35 -7.77 8.97
N GLY A 19 -17.10 -6.72 9.69
CA GLY A 19 -16.51 -6.88 11.05
C GLY A 19 -15.21 -6.07 11.14
N GLN A 20 -15.18 -4.90 10.55
CA GLN A 20 -13.94 -4.07 10.60
C GLN A 20 -12.77 -4.83 9.99
N ASP A 21 -11.99 -4.18 9.17
CA ASP A 21 -10.82 -4.88 8.55
C ASP A 21 -9.73 -3.86 8.20
N VAL A 22 -8.71 -4.30 7.51
CA VAL A 22 -7.60 -3.37 7.14
C VAL A 22 -7.85 -2.79 5.74
N HIS A 23 -8.02 -1.51 5.65
CA HIS A 23 -8.26 -0.88 4.32
C HIS A 23 -7.35 0.33 4.13
N VAL A 24 -6.69 0.45 2.99
CA VAL A 24 -5.79 1.61 2.78
C VAL A 24 -5.67 1.93 1.29
N VAL A 25 -5.11 3.07 0.96
CA VAL A 25 -4.95 3.45 -0.47
C VAL A 25 -3.49 3.26 -0.90
N LEU A 26 -3.24 3.11 -2.17
CA LEU A 26 -1.83 2.91 -2.62
C LEU A 26 -1.54 3.72 -3.89
N LYS A 27 -0.48 4.48 -3.90
CA LYS A 27 -0.13 5.27 -5.09
C LYS A 27 1.19 4.73 -5.68
N LEU A 28 1.44 4.98 -6.93
CA LEU A 28 2.71 4.48 -7.53
C LEU A 28 3.51 5.63 -8.17
N TRP A 29 4.64 5.94 -7.60
CA TRP A 29 5.48 7.04 -8.16
C TRP A 29 6.41 6.49 -9.24
N LYS A 30 7.15 7.34 -9.90
CA LYS A 30 8.06 6.89 -10.99
C LYS A 30 8.73 5.55 -10.65
N THR A 31 9.01 5.30 -9.41
CA THR A 31 9.66 4.01 -9.04
C THR A 31 9.40 3.70 -7.56
N GLY A 32 8.33 4.21 -7.03
CA GLY A 32 8.02 3.96 -5.61
C GLY A 32 6.51 3.98 -5.41
N PHE A 33 6.03 3.29 -4.43
CA PHE A 33 4.55 3.28 -4.18
C PHE A 33 4.24 3.80 -2.78
N SER A 34 3.18 4.55 -2.62
CA SER A 34 2.83 5.09 -1.28
C SER A 34 1.63 4.34 -0.69
N LEU A 35 1.26 4.69 0.50
CA LEU A 35 0.11 4.01 1.16
C LEU A 35 -0.50 4.94 2.22
N ASP A 36 -1.49 5.71 1.86
CA ASP A 36 -2.11 6.62 2.85
C ASP A 36 -1.13 7.71 3.27
N ASN A 37 -1.09 8.04 4.54
CA ASN A 37 -0.15 9.10 5.01
C ASN A 37 1.24 8.51 5.24
N GLY A 38 1.35 7.21 5.25
CA GLY A 38 2.69 6.59 5.48
C GLY A 38 3.72 7.22 4.54
N ASP A 39 4.97 7.07 4.85
CA ASP A 39 6.03 7.67 3.99
C ASP A 39 6.04 6.99 2.61
N LEU A 40 6.98 7.34 1.79
CA LEU A 40 7.06 6.73 0.43
C LEU A 40 7.87 5.44 0.46
N ARG A 41 7.47 4.45 -0.27
CA ARG A 41 8.23 3.17 -0.27
C ARG A 41 9.00 3.02 -1.58
N SER A 42 10.20 2.52 -1.52
CA SER A 42 11.01 2.36 -2.77
C SER A 42 10.76 0.99 -3.39
N TYR A 43 10.46 0.95 -4.66
CA TYR A 43 10.21 -0.37 -5.32
C TYR A 43 11.31 -1.36 -4.99
N GLN A 44 12.45 -0.90 -4.53
CA GLN A 44 13.55 -1.82 -4.20
C GLN A 44 13.86 -1.80 -2.70
N ASP A 45 13.05 -1.12 -1.92
CA ASP A 45 13.32 -1.07 -0.45
C ASP A 45 12.98 -2.42 0.20
N PRO A 46 13.03 -2.45 1.50
CA PRO A 46 12.73 -3.69 2.24
C PRO A 46 11.22 -3.86 2.45
N SER A 47 10.60 -2.97 3.16
CA SER A 47 9.14 -3.08 3.40
C SER A 47 8.41 -3.45 2.10
N ASN A 48 8.96 -3.08 0.97
CA ASN A 48 8.30 -3.40 -0.32
C ASN A 48 8.20 -4.92 -0.50
N ALA A 49 8.83 -5.67 0.37
CA ALA A 49 8.76 -7.15 0.24
C ALA A 49 7.32 -7.60 0.42
N GLN A 50 6.73 -7.31 1.54
CA GLN A 50 5.32 -7.71 1.76
C GLN A 50 4.40 -6.79 0.96
N PHE A 51 4.85 -5.59 0.70
CA PHE A 51 4.01 -4.65 -0.08
C PHE A 51 4.09 -4.96 -1.58
N LEU A 52 5.24 -4.75 -2.17
CA LEU A 52 5.40 -5.02 -3.62
C LEU A 52 4.98 -6.45 -3.96
N GLU A 53 5.28 -7.39 -3.12
CA GLU A 53 4.90 -8.80 -3.42
C GLU A 53 3.43 -9.06 -3.08
N SER A 54 3.07 -8.92 -1.84
CA SER A 54 1.67 -9.17 -1.44
C SER A 54 0.72 -8.27 -2.24
N ILE A 55 1.07 -7.02 -2.38
CA ILE A 55 0.19 -6.10 -3.16
C ILE A 55 0.12 -6.57 -4.61
N ARG A 56 1.25 -6.90 -5.17
CA ARG A 56 1.26 -7.38 -6.58
C ARG A 56 0.35 -8.60 -6.70
N ARG A 57 0.10 -9.27 -5.61
CA ARG A 57 -0.78 -10.46 -5.65
C ARG A 57 -2.22 -10.01 -5.47
N GLY A 58 -2.41 -8.81 -5.00
CA GLY A 58 -3.79 -8.29 -4.80
C GLY A 58 -3.70 -6.92 -4.12
N GLU A 59 -3.74 -6.89 -2.83
CA GLU A 59 -3.67 -5.58 -2.10
C GLU A 59 -3.05 -5.76 -0.72
N VAL A 60 -1.91 -5.16 -0.46
CA VAL A 60 -1.27 -5.29 0.87
C VAL A 60 -0.43 -4.06 1.20
N PRO A 61 -1.07 -3.09 1.81
CA PRO A 61 -0.41 -1.83 2.18
C PRO A 61 0.27 -1.94 3.56
N ALA A 62 0.53 -0.83 4.20
CA ALA A 62 1.17 -0.89 5.54
C ALA A 62 0.11 -1.25 6.59
N GLU A 63 -1.02 -0.61 6.53
CA GLU A 63 -2.09 -0.94 7.51
C GLU A 63 -2.23 -2.45 7.58
N LEU A 64 -1.80 -3.14 6.56
CA LEU A 64 -1.88 -4.62 6.57
C LEU A 64 -1.08 -5.15 7.75
N ARG A 65 0.15 -4.76 7.84
CA ARG A 65 0.98 -5.23 8.98
C ARG A 65 0.31 -4.78 10.27
N ARG A 66 -0.48 -3.74 10.18
CA ARG A 66 -1.18 -3.25 11.39
C ARG A 66 -2.25 -4.25 11.81
N LEU A 67 -3.21 -4.49 10.97
CA LEU A 67 -4.29 -5.45 11.32
C LEU A 67 -4.07 -6.81 10.65
N ALA A 68 -3.78 -6.81 9.38
CA ALA A 68 -3.58 -8.10 8.66
C ALA A 68 -2.32 -8.81 9.11
N HIS A 69 -1.21 -8.12 9.14
CA HIS A 69 0.07 -8.75 9.54
C HIS A 69 0.14 -10.17 8.99
N GLY A 70 -0.35 -10.34 7.80
CA GLY A 70 -0.33 -11.67 7.15
C GLY A 70 -0.33 -11.48 5.65
N GLY A 71 -0.01 -10.28 5.21
CA GLY A 71 0.02 -10.01 3.75
C GLY A 71 -1.38 -10.17 3.16
N GLN A 72 -2.36 -9.63 3.81
CA GLN A 72 -3.76 -9.74 3.29
C GLN A 72 -4.59 -8.53 3.73
N VAL A 73 -4.78 -7.58 2.85
CA VAL A 73 -5.57 -6.38 3.22
C VAL A 73 -6.30 -5.79 2.01
N ASN A 74 -7.42 -5.16 2.22
CA ASN A 74 -8.17 -4.55 1.08
C ASN A 74 -7.58 -3.17 0.75
N LEU A 75 -6.85 -3.06 -0.32
CA LEU A 75 -6.25 -1.77 -0.68
C LEU A 75 -6.43 -1.50 -2.18
N ASP A 76 -6.64 -0.26 -2.55
CA ASP A 76 -6.82 0.08 -3.98
C ASP A 76 -5.55 0.72 -4.54
N MET A 77 -5.45 0.84 -5.83
CA MET A 77 -4.23 1.46 -6.44
C MET A 77 -4.55 2.89 -6.91
N GLU A 78 -3.53 3.66 -7.18
CA GLU A 78 -3.77 5.05 -7.64
C GLU A 78 -2.72 5.45 -8.68
N ASP A 79 -3.13 5.68 -9.90
CA ASP A 79 -2.16 6.06 -10.95
C ASP A 79 -1.87 7.57 -10.88
N HIS A 80 -0.64 7.92 -10.61
CA HIS A 80 -0.28 9.37 -10.53
C HIS A 80 1.15 9.58 -11.01
N ARG A 81 1.46 9.15 -12.20
CA ARG A 81 2.83 9.32 -12.72
C ARG A 81 3.06 10.78 -13.12
N ASP A 82 2.08 11.39 -13.69
CA ASP A 82 2.23 12.82 -14.08
C ASP A 82 2.65 13.61 -12.83
N GLU A 83 2.44 13.03 -11.68
CA GLU A 83 2.82 13.71 -10.41
C GLU A 83 3.58 12.73 -9.52
N ASP A 84 4.67 12.19 -10.01
CA ASP A 84 5.45 11.22 -9.21
C ASP A 84 6.23 11.94 -8.10
N PHE A 85 6.65 11.21 -7.10
CA PHE A 85 7.41 11.83 -5.98
C PHE A 85 8.69 12.50 -6.51
N VAL A 86 9.06 13.62 -5.94
CA VAL A 86 10.30 14.31 -6.42
C VAL A 86 11.53 13.72 -5.74
N LYS A 87 12.56 13.46 -6.50
CA LYS A 87 13.81 12.88 -5.90
C LYS A 87 13.46 11.70 -5.00
N PRO A 88 13.68 10.52 -5.53
CA PRO A 88 13.40 9.28 -4.76
C PRO A 88 14.45 9.09 -3.65
N GLU A 13 -7.66 12.31 25.97
CA GLU A 13 -7.30 13.65 25.40
C GLU A 13 -7.33 13.60 23.87
N ARG A 14 -8.03 12.64 23.31
CA ARG A 14 -8.09 12.55 21.82
C ARG A 14 -9.03 11.41 21.41
N ARG A 15 -9.43 11.38 20.17
CA ARG A 15 -10.34 10.30 19.71
C ARG A 15 -9.56 9.22 18.95
N ARG A 16 -9.75 7.98 19.30
CA ARG A 16 -9.01 6.88 18.60
C ARG A 16 -10.00 5.89 17.99
N HIS A 17 -9.52 5.04 17.11
CA HIS A 17 -10.44 4.04 16.48
C HIS A 17 -9.63 2.97 15.75
N SER A 18 -10.28 1.96 15.25
CA SER A 18 -9.54 0.89 14.52
C SER A 18 -9.92 0.89 13.04
N GLY A 19 -11.14 1.25 12.73
CA GLY A 19 -11.58 1.27 11.31
C GLY A 19 -12.24 -0.07 10.95
N GLN A 20 -13.31 -0.04 10.23
CA GLN A 20 -14.00 -1.30 9.85
C GLN A 20 -13.17 -2.07 8.81
N ASP A 21 -12.91 -3.33 9.05
CA ASP A 21 -12.10 -4.12 8.08
C ASP A 21 -10.74 -3.46 7.87
N VAL A 22 -9.77 -4.23 7.43
CA VAL A 22 -8.42 -3.66 7.21
C VAL A 22 -8.27 -3.22 5.75
N HIS A 23 -8.47 -1.96 5.47
CA HIS A 23 -8.33 -1.47 4.06
C HIS A 23 -7.48 -0.20 4.02
N VAL A 24 -6.83 0.06 2.91
CA VAL A 24 -5.99 1.29 2.82
C VAL A 24 -5.72 1.66 1.35
N VAL A 25 -5.32 2.87 1.11
CA VAL A 25 -5.03 3.30 -0.28
C VAL A 25 -3.56 3.06 -0.62
N LEU A 26 -3.24 2.93 -1.87
CA LEU A 26 -1.82 2.68 -2.27
C LEU A 26 -1.51 3.37 -3.59
N LYS A 27 -0.45 4.13 -3.66
CA LYS A 27 -0.12 4.83 -4.91
C LYS A 27 1.22 4.33 -5.46
N LEU A 28 1.38 4.35 -6.76
CA LEU A 28 2.68 3.86 -7.34
C LEU A 28 3.35 4.96 -8.17
N TRP A 29 4.43 5.50 -7.70
CA TRP A 29 5.14 6.57 -8.46
C TRP A 29 6.05 5.92 -9.52
N LYS A 30 6.61 6.71 -10.40
CA LYS A 30 7.47 6.17 -11.48
C LYS A 30 8.34 5.00 -11.00
N THR A 31 9.06 5.17 -9.91
CA THR A 31 9.92 4.05 -9.42
C THR A 31 9.71 3.86 -7.92
N GLY A 32 8.64 4.38 -7.40
CA GLY A 32 8.38 4.23 -5.96
C GLY A 32 6.88 4.26 -5.72
N PHE A 33 6.41 3.63 -4.69
CA PHE A 33 4.95 3.63 -4.41
C PHE A 33 4.69 4.13 -2.98
N SER A 34 3.57 4.76 -2.73
CA SER A 34 3.30 5.25 -1.34
C SER A 34 2.26 4.38 -0.66
N LEU A 35 2.05 4.63 0.60
CA LEU A 35 1.07 3.83 1.38
C LEU A 35 0.36 4.70 2.41
N ASP A 36 -0.82 5.17 2.11
CA ASP A 36 -1.55 6.02 3.07
C ASP A 36 -0.81 7.35 3.26
N ASN A 37 -0.76 7.84 4.48
CA ASN A 37 -0.05 9.12 4.73
C ASN A 37 1.45 8.87 4.94
N GLY A 38 1.83 7.64 5.14
CA GLY A 38 3.27 7.34 5.36
C GLY A 38 4.11 7.96 4.23
N ASP A 39 5.39 8.10 4.44
CA ASP A 39 6.25 8.71 3.40
C ASP A 39 6.26 7.83 2.15
N LEU A 40 7.03 8.22 1.15
CA LEU A 40 7.07 7.41 -0.10
C LEU A 40 7.99 6.20 0.09
N ARG A 41 7.70 5.11 -0.57
CA ARG A 41 8.55 3.90 -0.42
C ARG A 41 9.34 3.66 -1.71
N SER A 42 10.58 3.24 -1.59
CA SER A 42 11.41 2.99 -2.80
C SER A 42 11.23 1.54 -3.26
N TYR A 43 10.89 1.34 -4.50
CA TYR A 43 10.70 -0.05 -5.02
C TYR A 43 11.83 -0.97 -4.55
N GLN A 44 12.97 -0.42 -4.20
CA GLN A 44 14.11 -1.27 -3.76
C GLN A 44 14.06 -1.54 -2.25
N ASP A 45 13.73 -0.55 -1.47
CA ASP A 45 13.67 -0.74 0.00
C ASP A 45 13.04 -2.09 0.37
N PRO A 46 13.18 -2.45 1.61
CA PRO A 46 12.60 -3.73 2.11
C PRO A 46 11.08 -3.63 2.19
N SER A 47 10.57 -2.50 2.60
CA SER A 47 9.09 -2.36 2.69
C SER A 47 8.45 -2.94 1.43
N ASN A 48 9.17 -2.95 0.35
CA ASN A 48 8.62 -3.51 -0.91
C ASN A 48 8.33 -5.01 -0.76
N ALA A 49 8.72 -5.58 0.35
CA ALA A 49 8.45 -7.02 0.58
C ALA A 49 6.94 -7.25 0.62
N GLN A 50 6.28 -6.66 1.57
CA GLN A 50 4.80 -6.82 1.65
C GLN A 50 4.14 -5.79 0.72
N PHE A 51 4.88 -4.80 0.32
CA PHE A 51 4.32 -3.77 -0.60
C PHE A 51 4.23 -4.35 -2.02
N LEU A 52 5.32 -4.77 -2.56
CA LEU A 52 5.32 -5.34 -3.93
C LEU A 52 4.62 -6.70 -3.96
N GLU A 53 4.91 -7.55 -3.01
CA GLU A 53 4.28 -8.89 -3.00
C GLU A 53 2.76 -8.79 -2.79
N SER A 54 2.35 -8.00 -1.83
CA SER A 54 0.89 -7.85 -1.57
C SER A 54 0.23 -7.04 -2.68
N ILE A 55 0.77 -5.91 -2.99
CA ILE A 55 0.17 -5.07 -4.05
C ILE A 55 0.02 -5.88 -5.34
N ARG A 56 0.96 -6.73 -5.61
CA ARG A 56 0.88 -7.57 -6.84
C ARG A 56 -0.32 -8.50 -6.75
N ARG A 57 -0.44 -9.21 -5.67
CA ARG A 57 -1.59 -10.15 -5.51
C ARG A 57 -2.87 -9.37 -5.19
N GLY A 58 -2.73 -8.22 -4.56
CA GLY A 58 -3.93 -7.42 -4.21
C GLY A 58 -3.98 -7.22 -2.69
N GLU A 59 -2.86 -6.90 -2.09
CA GLU A 59 -2.84 -6.69 -0.62
C GLU A 59 -1.91 -5.52 -0.27
N VAL A 60 -2.19 -4.83 0.80
CA VAL A 60 -1.35 -3.68 1.20
C VAL A 60 -0.20 -4.13 2.10
N PRO A 61 0.89 -3.45 1.99
CA PRO A 61 2.10 -3.79 2.80
C PRO A 61 1.90 -3.48 4.29
N ALA A 62 1.39 -2.33 4.60
CA ALA A 62 1.20 -1.96 6.05
C ALA A 62 -0.24 -2.19 6.51
N GLU A 63 -1.20 -1.68 5.78
CA GLU A 63 -2.62 -1.86 6.22
C GLU A 63 -2.85 -3.26 6.80
N LEU A 64 -2.69 -4.29 6.01
CA LEU A 64 -2.91 -5.66 6.57
C LEU A 64 -1.94 -5.89 7.71
N ARG A 65 -0.77 -5.34 7.60
CA ARG A 65 0.19 -5.55 8.69
C ARG A 65 -0.37 -4.97 9.99
N ARG A 66 -1.19 -3.96 9.87
CA ARG A 66 -1.80 -3.35 11.07
C ARG A 66 -2.81 -4.34 11.66
N LEU A 67 -3.82 -4.68 10.92
CA LEU A 67 -4.84 -5.62 11.44
C LEU A 67 -4.63 -7.03 10.88
N ALA A 68 -4.54 -7.16 9.59
CA ALA A 68 -4.34 -8.51 8.99
C ALA A 68 -3.18 -9.24 9.67
N HIS A 69 -2.00 -8.70 9.58
CA HIS A 69 -0.81 -9.35 10.22
C HIS A 69 -0.44 -10.64 9.47
N GLY A 70 -0.01 -10.51 8.25
CA GLY A 70 0.38 -11.71 7.47
C GLY A 70 0.41 -11.35 5.98
N GLY A 71 -0.27 -10.32 5.60
CA GLY A 71 -0.28 -9.90 4.17
C GLY A 71 -1.65 -10.19 3.55
N GLN A 72 -2.67 -9.62 4.12
CA GLN A 72 -4.04 -9.83 3.57
C GLN A 72 -4.92 -8.62 3.86
N VAL A 73 -5.03 -7.71 2.93
CA VAL A 73 -5.87 -6.51 3.16
C VAL A 73 -6.46 -5.99 1.83
N ASN A 74 -7.60 -5.35 1.89
CA ASN A 74 -8.19 -4.80 0.63
C ASN A 74 -7.38 -3.60 0.16
N LEU A 75 -6.51 -3.81 -0.78
CA LEU A 75 -5.63 -2.71 -1.28
C LEU A 75 -6.37 -1.76 -2.22
N ASP A 76 -5.94 -0.53 -2.25
CA ASP A 76 -6.56 0.47 -3.16
C ASP A 76 -5.45 1.13 -3.98
N MET A 77 -5.40 0.86 -5.26
CA MET A 77 -4.32 1.46 -6.10
C MET A 77 -4.59 2.94 -6.39
N GLU A 78 -3.55 3.71 -6.57
CA GLU A 78 -3.72 5.15 -6.86
C GLU A 78 -2.89 5.53 -8.09
N ASP A 79 -3.51 6.16 -9.06
CA ASP A 79 -2.78 6.55 -10.29
C ASP A 79 -2.21 7.97 -10.15
N HIS A 80 -1.08 8.22 -10.75
CA HIS A 80 -0.46 9.58 -10.66
C HIS A 80 0.87 9.60 -11.41
N ARG A 81 1.03 8.76 -12.40
CA ARG A 81 2.32 8.76 -13.15
C ARG A 81 2.54 10.12 -13.80
N ASP A 82 1.48 10.78 -14.16
CA ASP A 82 1.64 12.13 -14.76
C ASP A 82 2.26 13.06 -13.70
N GLU A 83 2.37 12.57 -12.49
CA GLU A 83 2.96 13.40 -11.40
C GLU A 83 3.57 12.49 -10.33
N ASP A 84 4.66 11.83 -10.64
CA ASP A 84 5.28 10.91 -9.66
C ASP A 84 6.00 11.71 -8.56
N PHE A 85 6.39 11.05 -7.51
CA PHE A 85 7.08 11.75 -6.39
C PHE A 85 8.50 12.16 -6.82
N VAL A 86 8.67 13.40 -7.22
CA VAL A 86 10.02 13.85 -7.65
C VAL A 86 10.70 12.78 -8.50
N LYS A 87 10.56 12.86 -9.79
CA LYS A 87 11.21 11.85 -10.67
C LYS A 87 12.67 11.64 -10.26
N PRO A 88 13.18 10.49 -10.60
CA PRO A 88 14.59 10.16 -10.26
C PRO A 88 15.55 10.94 -11.16
N GLU A 13 -30.69 4.62 15.77
CA GLU A 13 -29.55 5.47 16.24
C GLU A 13 -28.22 4.72 16.02
N ARG A 14 -27.77 4.65 14.81
CA ARG A 14 -26.48 3.94 14.54
C ARG A 14 -26.58 2.49 14.98
N ARG A 15 -26.37 1.56 14.08
CA ARG A 15 -26.44 0.12 14.46
C ARG A 15 -25.03 -0.50 14.47
N ARG A 16 -24.54 -0.86 13.32
CA ARG A 16 -23.18 -1.47 13.26
C ARG A 16 -22.62 -1.40 11.84
N HIS A 17 -21.38 -1.72 11.65
CA HIS A 17 -20.78 -1.67 10.29
C HIS A 17 -19.74 -2.77 10.11
N SER A 18 -18.91 -2.67 9.12
CA SER A 18 -17.87 -3.72 8.89
C SER A 18 -17.12 -4.00 10.20
N GLY A 19 -16.22 -4.95 10.18
CA GLY A 19 -15.46 -5.27 11.42
C GLY A 19 -14.20 -4.39 11.50
N GLN A 20 -14.21 -3.27 10.82
CA GLN A 20 -13.02 -2.37 10.85
C GLN A 20 -11.81 -3.08 10.22
N ASP A 21 -12.00 -3.68 9.08
CA ASP A 21 -10.86 -4.38 8.42
C ASP A 21 -9.78 -3.37 8.02
N VAL A 22 -8.75 -3.82 7.35
CA VAL A 22 -7.68 -2.88 6.94
C VAL A 22 -7.93 -2.38 5.52
N HIS A 23 -8.07 -1.10 5.34
CA HIS A 23 -8.29 -0.55 3.97
C HIS A 23 -7.35 0.63 3.73
N VAL A 24 -6.45 0.51 2.78
CA VAL A 24 -5.51 1.63 2.51
C VAL A 24 -5.38 1.89 1.01
N VAL A 25 -4.76 2.99 0.64
CA VAL A 25 -4.60 3.32 -0.80
C VAL A 25 -3.12 3.33 -1.18
N LEU A 26 -2.71 2.47 -2.08
CA LEU A 26 -1.28 2.43 -2.48
C LEU A 26 -1.07 3.15 -3.81
N LYS A 27 -0.19 4.11 -3.85
CA LYS A 27 0.07 4.85 -5.09
C LYS A 27 1.43 4.43 -5.67
N LEU A 28 1.62 4.54 -6.96
CA LEU A 28 2.92 4.12 -7.55
C LEU A 28 3.58 5.27 -8.31
N TRP A 29 4.80 5.59 -7.97
CA TRP A 29 5.52 6.69 -8.66
C TRP A 29 6.50 6.10 -9.69
N LYS A 30 7.19 6.94 -10.42
CA LYS A 30 8.14 6.45 -11.46
C LYS A 30 8.86 5.17 -11.00
N THR A 31 9.41 5.19 -9.82
CA THR A 31 10.10 3.97 -9.31
C THR A 31 9.84 3.80 -7.82
N GLY A 32 8.76 4.37 -7.36
CA GLY A 32 8.42 4.25 -5.92
C GLY A 32 6.91 4.34 -5.74
N PHE A 33 6.40 3.74 -4.71
CA PHE A 33 4.92 3.79 -4.47
C PHE A 33 4.63 4.38 -3.09
N SER A 34 3.50 5.03 -2.94
CA SER A 34 3.16 5.62 -1.61
C SER A 34 2.09 4.79 -0.92
N LEU A 35 1.71 5.17 0.27
CA LEU A 35 0.68 4.40 1.01
C LEU A 35 0.20 5.19 2.23
N ASP A 36 -1.04 5.62 2.22
CA ASP A 36 -1.56 6.39 3.39
C ASP A 36 -0.76 7.69 3.55
N ASN A 37 -1.01 8.42 4.60
CA ASN A 37 -0.28 9.70 4.83
C ASN A 37 1.23 9.44 4.89
N GLY A 38 1.62 8.24 5.21
CA GLY A 38 3.07 7.91 5.30
C GLY A 38 3.80 8.53 4.10
N ASP A 39 5.08 8.67 4.19
CA ASP A 39 5.86 9.27 3.07
C ASP A 39 5.93 8.29 1.89
N LEU A 40 6.42 8.73 0.77
CA LEU A 40 6.51 7.83 -0.42
C LEU A 40 7.50 6.69 -0.15
N ARG A 41 7.31 5.56 -0.76
CA ARG A 41 8.24 4.42 -0.53
C ARG A 41 9.04 4.12 -1.81
N SER A 42 10.25 3.67 -1.67
CA SER A 42 11.07 3.35 -2.88
C SER A 42 10.93 1.88 -3.25
N TYR A 43 10.94 1.57 -4.51
CA TYR A 43 10.81 0.14 -4.94
C TYR A 43 11.98 -0.70 -4.42
N GLN A 44 12.96 -0.09 -3.81
CA GLN A 44 14.12 -0.87 -3.30
C GLN A 44 13.92 -1.27 -1.83
N ASP A 45 13.59 -0.33 -1.00
CA ASP A 45 13.40 -0.64 0.45
C ASP A 45 12.78 -2.03 0.64
N PRO A 46 13.00 -2.58 1.81
CA PRO A 46 12.46 -3.93 2.14
C PRO A 46 10.93 -3.89 2.25
N SER A 47 10.38 -2.86 2.82
CA SER A 47 8.90 -2.78 2.94
C SER A 47 8.27 -3.19 1.60
N ASN A 48 8.99 -3.04 0.53
CA ASN A 48 8.44 -3.43 -0.80
C ASN A 48 8.21 -4.94 -0.86
N ALA A 49 8.63 -5.65 0.15
CA ALA A 49 8.43 -7.12 0.17
C ALA A 49 6.93 -7.43 0.17
N GLN A 50 6.22 -6.96 1.15
CA GLN A 50 4.75 -7.20 1.19
C GLN A 50 4.05 -6.18 0.29
N PHE A 51 4.69 -5.07 0.02
CA PHE A 51 4.06 -4.05 -0.86
C PHE A 51 3.98 -4.58 -2.28
N LEU A 52 5.08 -4.96 -2.84
CA LEU A 52 5.08 -5.47 -4.24
C LEU A 52 4.42 -6.84 -4.33
N GLU A 53 4.76 -7.74 -3.45
CA GLU A 53 4.17 -9.11 -3.50
C GLU A 53 2.71 -9.11 -3.03
N SER A 54 2.48 -8.72 -1.82
CA SER A 54 1.09 -8.71 -1.28
C SER A 54 0.18 -7.85 -2.15
N ILE A 55 0.67 -6.74 -2.63
CA ILE A 55 -0.18 -5.87 -3.47
C ILE A 55 -0.58 -6.61 -4.75
N ARG A 56 0.36 -7.20 -5.41
CA ARG A 56 0.04 -7.96 -6.66
C ARG A 56 -1.10 -8.93 -6.36
N ARG A 57 -1.07 -9.57 -5.23
CA ARG A 57 -2.14 -10.53 -4.87
C ARG A 57 -3.37 -9.76 -4.37
N GLY A 58 -3.16 -8.61 -3.79
CA GLY A 58 -4.29 -7.81 -3.28
C GLY A 58 -4.13 -7.59 -1.78
N GLU A 59 -2.95 -7.25 -1.35
CA GLU A 59 -2.72 -7.02 0.11
C GLU A 59 -1.69 -5.90 0.32
N VAL A 60 -1.91 -5.07 1.31
CA VAL A 60 -0.96 -3.96 1.57
C VAL A 60 0.13 -4.41 2.56
N PRO A 61 1.28 -3.81 2.41
CA PRO A 61 2.45 -4.14 3.28
C PRO A 61 2.33 -3.56 4.69
N ALA A 62 1.69 -2.44 4.86
CA ALA A 62 1.59 -1.85 6.23
C ALA A 62 0.23 -2.11 6.88
N GLU A 63 -0.83 -1.60 6.30
CA GLU A 63 -2.17 -1.80 6.90
C GLU A 63 -2.46 -3.29 7.11
N LEU A 64 -1.86 -4.16 6.35
CA LEU A 64 -2.12 -5.59 6.54
C LEU A 64 -1.39 -6.06 7.78
N ARG A 65 -0.31 -5.44 8.12
CA ARG A 65 0.41 -5.84 9.33
C ARG A 65 -0.43 -5.43 10.52
N ARG A 66 -1.22 -4.40 10.36
CA ARG A 66 -2.10 -3.95 11.47
C ARG A 66 -3.18 -5.01 11.72
N LEU A 67 -4.01 -5.25 10.75
CA LEU A 67 -5.08 -6.26 10.93
C LEU A 67 -4.73 -7.59 10.25
N ALA A 68 -4.40 -7.55 9.00
CA ALA A 68 -4.05 -8.82 8.27
C ALA A 68 -3.04 -9.65 9.08
N HIS A 69 -1.88 -9.11 9.30
CA HIS A 69 -0.84 -9.85 10.07
C HIS A 69 -0.23 -10.97 9.22
N GLY A 70 0.13 -10.67 8.00
CA GLY A 70 0.73 -11.71 7.13
C GLY A 70 0.64 -11.27 5.67
N GLY A 71 -0.54 -11.18 5.15
CA GLY A 71 -0.70 -10.77 3.73
C GLY A 71 -2.17 -10.84 3.34
N GLN A 72 -2.98 -10.01 3.94
CA GLN A 72 -4.44 -10.01 3.62
C GLN A 72 -5.02 -8.62 3.85
N VAL A 73 -5.08 -7.79 2.83
CA VAL A 73 -5.64 -6.43 3.03
C VAL A 73 -6.28 -5.89 1.74
N ASN A 74 -7.27 -5.04 1.88
CA ASN A 74 -7.93 -4.46 0.68
C ASN A 74 -7.28 -3.10 0.35
N LEU A 75 -6.37 -3.09 -0.59
CA LEU A 75 -5.70 -1.82 -0.94
C LEU A 75 -6.27 -1.21 -2.22
N ASP A 76 -6.09 0.07 -2.40
CA ASP A 76 -6.59 0.73 -3.63
C ASP A 76 -5.42 1.36 -4.39
N MET A 77 -5.27 1.04 -5.65
CA MET A 77 -4.14 1.62 -6.44
C MET A 77 -4.43 3.08 -6.80
N GLU A 78 -3.41 3.83 -7.11
CA GLU A 78 -3.61 5.25 -7.48
C GLU A 78 -2.57 5.68 -8.52
N ASP A 79 -3.01 6.04 -9.69
CA ASP A 79 -2.07 6.47 -10.76
C ASP A 79 -1.70 7.94 -10.59
N HIS A 80 -0.45 8.22 -10.34
CA HIS A 80 -0.02 9.64 -10.17
C HIS A 80 1.49 9.75 -10.44
N ARG A 81 1.91 9.43 -11.62
CA ARG A 81 3.35 9.51 -11.95
C ARG A 81 3.77 10.97 -12.15
N ASP A 82 3.21 11.61 -13.13
CA ASP A 82 3.55 13.04 -13.37
C ASP A 82 3.14 13.88 -12.16
N GLU A 83 2.45 13.28 -11.22
CA GLU A 83 2.01 14.04 -10.01
C GLU A 83 3.20 14.31 -9.09
N ASP A 84 3.84 13.28 -8.61
CA ASP A 84 4.99 13.49 -7.70
C ASP A 84 6.16 12.57 -8.07
N PHE A 85 7.25 12.68 -7.36
CA PHE A 85 8.43 11.82 -7.65
C PHE A 85 8.71 11.77 -9.15
N VAL A 86 9.07 12.89 -9.73
CA VAL A 86 9.36 12.91 -11.20
C VAL A 86 10.21 14.14 -11.55
N LYS A 87 11.44 14.16 -11.09
CA LYS A 87 12.31 15.32 -11.39
C LYS A 87 12.85 15.22 -12.81
N PRO A 88 13.58 14.16 -13.07
CA PRO A 88 14.17 13.94 -14.41
C PRO A 88 13.08 13.56 -15.41
N GLU A 13 -25.78 -0.23 5.61
CA GLU A 13 -25.93 -1.35 6.60
C GLU A 13 -24.96 -2.48 6.27
N ARG A 14 -24.81 -2.81 5.02
CA ARG A 14 -23.88 -3.91 4.63
C ARG A 14 -22.42 -3.40 4.66
N ARG A 15 -22.07 -2.53 3.75
CA ARG A 15 -20.68 -2.01 3.73
C ARG A 15 -20.61 -0.65 4.44
N ARG A 16 -19.81 -0.55 5.47
CA ARG A 16 -19.71 0.74 6.21
C ARG A 16 -18.44 1.49 5.78
N HIS A 17 -18.53 2.78 5.62
CA HIS A 17 -17.34 3.57 5.21
C HIS A 17 -16.23 3.44 6.26
N SER A 18 -16.55 3.60 7.51
CA SER A 18 -15.52 3.49 8.57
C SER A 18 -15.82 2.29 9.48
N GLY A 19 -16.49 1.28 8.96
CA GLY A 19 -16.81 0.09 9.78
C GLY A 19 -15.54 -0.72 10.04
N GLN A 20 -15.66 -1.82 10.74
CA GLN A 20 -14.45 -2.64 11.03
C GLN A 20 -14.01 -3.39 9.77
N ASP A 21 -12.94 -2.94 9.15
CA ASP A 21 -12.45 -3.63 7.92
C ASP A 21 -11.00 -3.24 7.64
N VAL A 22 -10.28 -4.08 6.94
CA VAL A 22 -8.86 -3.75 6.63
C VAL A 22 -8.72 -3.29 5.18
N HIS A 23 -8.70 -2.00 4.96
CA HIS A 23 -8.56 -1.47 3.57
C HIS A 23 -7.48 -0.38 3.52
N VAL A 24 -6.94 -0.12 2.37
CA VAL A 24 -5.88 0.94 2.28
C VAL A 24 -5.72 1.44 0.84
N VAL A 25 -5.00 2.51 0.66
CA VAL A 25 -4.79 3.06 -0.72
C VAL A 25 -3.29 3.09 -1.03
N LEU A 26 -2.84 2.22 -1.89
CA LEU A 26 -1.38 2.18 -2.23
C LEU A 26 -1.14 2.91 -3.56
N LYS A 27 -0.41 3.99 -3.53
CA LYS A 27 -0.13 4.74 -4.78
C LYS A 27 1.20 4.27 -5.39
N LEU A 28 1.40 4.47 -6.66
CA LEU A 28 2.68 4.03 -7.29
C LEU A 28 3.32 5.17 -8.09
N TRP A 29 4.55 5.49 -7.80
CA TRP A 29 5.26 6.57 -8.54
C TRP A 29 6.22 5.96 -9.56
N LYS A 30 6.87 6.79 -10.34
CA LYS A 30 7.81 6.26 -11.39
C LYS A 30 8.56 5.04 -10.87
N THR A 31 9.15 5.12 -9.71
CA THR A 31 9.89 3.94 -9.16
C THR A 31 9.66 3.87 -7.66
N GLY A 32 8.58 4.43 -7.19
CA GLY A 32 8.29 4.40 -5.74
C GLY A 32 6.79 4.42 -5.53
N PHE A 33 6.34 3.88 -4.44
CA PHE A 33 4.87 3.88 -4.16
C PHE A 33 4.56 4.56 -2.82
N SER A 34 3.41 5.16 -2.68
CA SER A 34 3.05 5.83 -1.40
C SER A 34 2.01 5.00 -0.65
N LEU A 35 1.63 5.43 0.50
CA LEU A 35 0.61 4.67 1.29
C LEU A 35 0.11 5.51 2.47
N ASP A 36 -1.13 5.92 2.42
CA ASP A 36 -1.70 6.74 3.53
C ASP A 36 -0.62 7.62 4.16
N ASN A 37 -0.18 7.26 5.34
CA ASN A 37 0.88 8.08 6.02
C ASN A 37 2.27 7.67 5.54
N GLY A 38 3.27 7.85 6.36
CA GLY A 38 4.65 7.47 5.97
C GLY A 38 5.04 8.24 4.70
N ASP A 39 6.32 8.35 4.44
CA ASP A 39 6.77 9.08 3.24
C ASP A 39 6.73 8.16 2.02
N LEU A 40 7.29 8.59 0.92
CA LEU A 40 7.29 7.75 -0.31
C LEU A 40 8.33 6.64 -0.19
N ARG A 41 8.02 5.46 -0.65
CA ARG A 41 9.00 4.34 -0.55
C ARG A 41 9.60 4.05 -1.93
N SER A 42 10.84 3.64 -1.97
CA SER A 42 11.49 3.33 -3.28
C SER A 42 11.28 1.86 -3.65
N TYR A 43 10.86 1.60 -4.86
CA TYR A 43 10.63 0.20 -5.29
C TYR A 43 11.71 -0.73 -4.71
N GLN A 44 12.88 -0.23 -4.47
CA GLN A 44 13.97 -1.08 -3.92
C GLN A 44 13.78 -1.32 -2.42
N ASP A 45 13.35 -0.32 -1.70
CA ASP A 45 13.15 -0.46 -0.23
C ASP A 45 12.59 -1.85 0.12
N PRO A 46 12.75 -2.22 1.36
CA PRO A 46 12.26 -3.54 1.84
C PRO A 46 10.73 -3.51 1.99
N SER A 47 10.20 -2.45 2.50
CA SER A 47 8.72 -2.37 2.67
C SER A 47 8.04 -2.87 1.40
N ASN A 48 8.71 -2.78 0.28
CA ASN A 48 8.11 -3.25 -0.99
C ASN A 48 7.92 -4.76 -0.95
N ALA A 49 8.43 -5.40 0.07
CA ALA A 49 8.26 -6.88 0.17
C ALA A 49 6.77 -7.21 0.13
N GLN A 50 6.00 -6.62 1.01
CA GLN A 50 4.54 -6.88 1.00
C GLN A 50 3.86 -5.90 0.03
N PHE A 51 4.38 -4.73 -0.11
CA PHE A 51 3.75 -3.77 -1.06
C PHE A 51 3.81 -4.33 -2.47
N LEU A 52 4.98 -4.66 -2.93
CA LEU A 52 5.12 -5.19 -4.29
C LEU A 52 4.57 -6.62 -4.39
N GLU A 53 4.99 -7.49 -3.51
CA GLU A 53 4.51 -8.90 -3.58
C GLU A 53 3.07 -9.03 -3.08
N SER A 54 2.79 -8.53 -1.91
CA SER A 54 1.40 -8.66 -1.37
C SER A 54 0.40 -7.90 -2.24
N ILE A 55 0.76 -6.75 -2.74
CA ILE A 55 -0.18 -6.00 -3.61
C ILE A 55 -0.46 -6.79 -4.87
N ARG A 56 0.56 -7.31 -5.49
CA ARG A 56 0.36 -8.11 -6.73
C ARG A 56 -0.69 -9.19 -6.44
N ARG A 57 -0.61 -9.79 -5.29
CA ARG A 57 -1.59 -10.85 -4.92
C ARG A 57 -2.86 -10.20 -4.37
N GLY A 58 -2.78 -8.96 -3.98
CA GLY A 58 -3.97 -8.27 -3.44
C GLY A 58 -3.79 -8.04 -1.95
N GLU A 59 -2.73 -7.40 -1.56
CA GLU A 59 -2.49 -7.15 -0.10
C GLU A 59 -1.68 -5.86 0.10
N VAL A 60 -1.89 -5.19 1.20
CA VAL A 60 -1.15 -3.93 1.48
C VAL A 60 -0.05 -4.18 2.51
N PRO A 61 1.04 -3.49 2.35
CA PRO A 61 2.20 -3.64 3.27
C PRO A 61 1.96 -2.98 4.63
N ALA A 62 1.17 -1.94 4.69
CA ALA A 62 0.93 -1.28 6.01
C ALA A 62 -0.41 -1.68 6.62
N GLU A 63 -1.49 -1.36 5.97
CA GLU A 63 -2.83 -1.70 6.52
C GLU A 63 -2.96 -3.20 6.78
N LEU A 64 -2.14 -4.02 6.17
CA LEU A 64 -2.26 -5.47 6.41
C LEU A 64 -1.58 -5.84 7.71
N ARG A 65 -0.60 -5.09 8.10
CA ARG A 65 0.07 -5.39 9.39
C ARG A 65 -0.84 -4.94 10.51
N ARG A 66 -1.64 -3.95 10.25
CA ARG A 66 -2.58 -3.45 11.28
C ARG A 66 -3.69 -4.46 11.54
N LEU A 67 -4.43 -4.82 10.53
CA LEU A 67 -5.54 -5.79 10.72
C LEU A 67 -5.14 -7.21 10.24
N ALA A 68 -4.70 -7.32 9.03
CA ALA A 68 -4.33 -8.67 8.48
C ALA A 68 -3.35 -9.39 9.42
N HIS A 69 -2.25 -8.77 9.73
CA HIS A 69 -1.24 -9.41 10.62
C HIS A 69 -0.46 -10.48 9.86
N GLY A 70 -0.04 -10.20 8.67
CA GLY A 70 0.72 -11.21 7.90
C GLY A 70 0.79 -10.80 6.43
N GLY A 71 -0.32 -10.80 5.76
CA GLY A 71 -0.31 -10.41 4.32
C GLY A 71 -1.68 -10.69 3.69
N GLN A 72 -2.70 -10.06 4.17
CA GLN A 72 -4.06 -10.27 3.59
C GLN A 72 -4.94 -9.03 3.79
N VAL A 73 -4.91 -8.10 2.87
CA VAL A 73 -5.76 -6.89 3.02
C VAL A 73 -6.11 -6.29 1.66
N ASN A 74 -7.24 -5.63 1.56
CA ASN A 74 -7.63 -5.02 0.26
C ASN A 74 -6.91 -3.67 0.12
N LEU A 75 -6.50 -3.32 -1.08
CA LEU A 75 -5.80 -2.05 -1.28
C LEU A 75 -6.34 -1.30 -2.51
N ASP A 76 -6.14 -0.01 -2.55
CA ASP A 76 -6.63 0.78 -3.70
C ASP A 76 -5.43 1.42 -4.41
N MET A 77 -5.24 1.13 -5.67
CA MET A 77 -4.08 1.72 -6.40
C MET A 77 -4.37 3.17 -6.78
N GLU A 78 -3.43 4.05 -6.57
CA GLU A 78 -3.64 5.48 -6.91
C GLU A 78 -2.75 5.89 -8.08
N ASP A 79 -3.33 6.33 -9.17
CA ASP A 79 -2.53 6.74 -10.35
C ASP A 79 -2.05 8.19 -10.19
N HIS A 80 -0.79 8.38 -9.90
CA HIS A 80 -0.27 9.76 -9.73
C HIS A 80 1.21 9.82 -10.16
N ARG A 81 1.49 9.42 -11.36
CA ARG A 81 2.91 9.44 -11.84
C ARG A 81 3.31 10.87 -12.17
N ASP A 82 2.53 11.54 -12.96
CA ASP A 82 2.87 12.94 -13.33
C ASP A 82 2.50 13.88 -12.18
N GLU A 83 2.12 13.33 -11.05
CA GLU A 83 1.74 14.18 -9.90
C GLU A 83 2.93 14.39 -8.97
N ASP A 84 3.57 13.34 -8.56
CA ASP A 84 4.74 13.49 -7.65
C ASP A 84 5.89 12.57 -8.09
N PHE A 85 6.98 12.62 -7.38
CA PHE A 85 8.14 11.75 -7.74
C PHE A 85 8.32 11.70 -9.26
N VAL A 86 8.84 12.75 -9.84
CA VAL A 86 9.04 12.75 -11.31
C VAL A 86 10.50 13.10 -11.65
N LYS A 87 11.28 12.13 -12.02
CA LYS A 87 12.70 12.40 -12.36
C LYS A 87 12.83 13.69 -13.17
N PRO A 88 13.30 14.71 -12.52
CA PRO A 88 13.47 16.02 -13.20
C PRO A 88 14.65 15.99 -14.16
N GLU A 13 -19.55 8.42 0.97
CA GLU A 13 -18.78 7.33 0.29
C GLU A 13 -17.77 7.93 -0.70
N ARG A 14 -16.55 7.50 -0.63
CA ARG A 14 -15.51 8.04 -1.56
C ARG A 14 -14.19 7.28 -1.39
N ARG A 15 -14.26 6.01 -1.16
CA ARG A 15 -13.01 5.21 -0.98
C ARG A 15 -12.02 5.98 -0.09
N ARG A 16 -12.50 6.66 0.90
CA ARG A 16 -11.60 7.43 1.80
C ARG A 16 -11.93 7.14 3.26
N HIS A 17 -11.13 7.62 4.17
CA HIS A 17 -11.40 7.38 5.62
C HIS A 17 -11.31 5.88 5.93
N SER A 18 -10.23 5.44 6.50
CA SER A 18 -10.09 3.99 6.83
C SER A 18 -10.08 3.79 8.35
N GLY A 19 -11.21 3.52 8.93
CA GLY A 19 -11.26 3.31 10.40
C GLY A 19 -11.96 1.98 10.71
N GLN A 20 -12.35 1.25 9.70
CA GLN A 20 -13.02 -0.05 9.93
C GLN A 20 -12.25 -1.18 9.23
N ASP A 21 -12.22 -2.34 9.82
CA ASP A 21 -11.49 -3.48 9.19
C ASP A 21 -10.10 -3.03 8.76
N VAL A 22 -9.35 -3.89 8.12
CA VAL A 22 -7.99 -3.52 7.68
C VAL A 22 -8.03 -3.01 6.23
N HIS A 23 -8.09 -1.72 6.05
CA HIS A 23 -8.13 -1.16 4.67
C HIS A 23 -7.15 0.01 4.54
N VAL A 24 -6.59 0.20 3.38
CA VAL A 24 -5.63 1.33 3.19
C VAL A 24 -5.53 1.71 1.71
N VAL A 25 -4.92 2.82 1.41
CA VAL A 25 -4.79 3.25 -0.01
C VAL A 25 -3.34 3.09 -0.47
N LEU A 26 -3.13 2.72 -1.71
CA LEU A 26 -1.73 2.55 -2.21
C LEU A 26 -1.53 3.30 -3.53
N LYS A 27 -0.41 3.96 -3.68
CA LYS A 27 -0.13 4.70 -4.93
C LYS A 27 1.21 4.22 -5.50
N LEU A 28 1.27 3.95 -6.76
CA LEU A 28 2.56 3.49 -7.35
C LEU A 28 3.21 4.58 -8.19
N TRP A 29 4.37 5.03 -7.80
CA TRP A 29 5.06 6.09 -8.58
C TRP A 29 5.96 5.44 -9.64
N LYS A 30 6.57 6.23 -10.49
CA LYS A 30 7.44 5.67 -11.57
C LYS A 30 8.21 4.45 -11.06
N THR A 31 8.87 4.55 -9.95
CA THR A 31 9.64 3.39 -9.42
C THR A 31 9.49 3.31 -7.90
N GLY A 32 8.40 3.80 -7.39
CA GLY A 32 8.17 3.78 -5.93
C GLY A 32 6.68 3.71 -5.65
N PHE A 33 6.30 3.17 -4.54
CA PHE A 33 4.85 3.08 -4.21
C PHE A 33 4.59 3.65 -2.81
N SER A 34 3.49 4.35 -2.63
CA SER A 34 3.18 4.94 -1.30
C SER A 34 1.98 4.25 -0.67
N LEU A 35 1.64 4.64 0.52
CA LEU A 35 0.48 4.03 1.22
C LEU A 35 -0.16 5.03 2.19
N ASP A 36 -1.31 5.53 1.86
CA ASP A 36 -1.98 6.52 2.76
C ASP A 36 -0.96 7.52 3.30
N ASN A 37 -1.02 7.83 4.56
CA ASN A 37 -0.04 8.79 5.14
C ASN A 37 1.39 8.25 5.00
N GLY A 38 2.21 8.50 5.97
CA GLY A 38 3.62 8.00 5.91
C GLY A 38 4.28 8.49 4.61
N ASP A 39 5.57 8.45 4.55
CA ASP A 39 6.29 8.92 3.33
C ASP A 39 6.20 7.86 2.23
N LEU A 40 6.53 8.24 1.02
CA LEU A 40 6.46 7.26 -0.10
C LEU A 40 7.50 6.15 0.11
N ARG A 41 7.32 5.02 -0.50
CA ARG A 41 8.29 3.91 -0.32
C ARG A 41 9.11 3.70 -1.60
N SER A 42 10.35 3.31 -1.46
CA SER A 42 11.20 3.08 -2.67
C SER A 42 11.09 1.63 -3.13
N TYR A 43 10.69 1.41 -4.36
CA TYR A 43 10.56 0.02 -4.87
C TYR A 43 11.64 -0.88 -4.27
N GLN A 44 12.83 -0.36 -4.08
CA GLN A 44 13.93 -1.18 -3.50
C GLN A 44 13.74 -1.37 -2.00
N ASP A 45 13.21 -0.39 -1.33
CA ASP A 45 12.99 -0.50 0.15
C ASP A 45 12.65 -1.95 0.53
N PRO A 46 13.01 -2.31 1.74
CA PRO A 46 12.74 -3.67 2.23
C PRO A 46 11.24 -3.88 2.50
N SER A 47 10.64 -3.04 3.30
CA SER A 47 9.19 -3.18 3.57
C SER A 47 8.44 -3.46 2.27
N ASN A 48 8.98 -3.03 1.18
CA ASN A 48 8.32 -3.27 -0.13
C ASN A 48 8.23 -4.78 -0.40
N ALA A 49 8.86 -5.57 0.41
CA ALA A 49 8.79 -7.04 0.21
C ALA A 49 7.36 -7.50 0.34
N GLN A 50 6.75 -7.26 1.47
CA GLN A 50 5.32 -7.67 1.65
C GLN A 50 4.42 -6.69 0.90
N PHE A 51 4.88 -5.48 0.71
CA PHE A 51 4.04 -4.49 -0.02
C PHE A 51 4.09 -4.76 -1.52
N LEU A 52 5.22 -4.59 -2.12
CA LEU A 52 5.34 -4.81 -3.59
C LEU A 52 4.89 -6.22 -3.97
N GLU A 53 5.23 -7.20 -3.18
CA GLU A 53 4.84 -8.60 -3.52
C GLU A 53 3.38 -8.86 -3.14
N SER A 54 3.07 -8.78 -1.89
CA SER A 54 1.67 -9.05 -1.45
C SER A 54 0.71 -8.15 -2.21
N ILE A 55 1.05 -6.90 -2.40
CA ILE A 55 0.15 -5.99 -3.15
C ILE A 55 0.03 -6.47 -4.59
N ARG A 56 1.13 -6.82 -5.19
CA ARG A 56 1.09 -7.30 -6.60
C ARG A 56 0.12 -8.49 -6.69
N ARG A 57 -0.08 -9.18 -5.61
CA ARG A 57 -1.01 -10.33 -5.62
C ARG A 57 -2.44 -9.82 -5.52
N GLY A 58 -2.59 -8.60 -5.09
CA GLY A 58 -3.94 -8.00 -4.95
C GLY A 58 -3.83 -6.64 -4.25
N GLU A 59 -3.84 -6.64 -2.95
CA GLU A 59 -3.74 -5.34 -2.21
C GLU A 59 -3.09 -5.56 -0.84
N VAL A 60 -1.95 -4.99 -0.60
CA VAL A 60 -1.28 -5.17 0.72
C VAL A 60 -0.42 -3.95 1.08
N PRO A 61 -1.05 -3.02 1.73
CA PRO A 61 -0.38 -1.77 2.15
C PRO A 61 0.36 -1.98 3.48
N ALA A 62 0.36 -1.01 4.35
CA ALA A 62 1.07 -1.17 5.66
C ALA A 62 0.06 -1.59 6.73
N GLU A 63 -1.08 -0.95 6.75
CA GLU A 63 -2.11 -1.33 7.75
C GLU A 63 -2.34 -2.84 7.65
N LEU A 64 -1.94 -3.42 6.54
CA LEU A 64 -2.10 -4.89 6.38
C LEU A 64 -1.13 -5.61 7.29
N ARG A 65 -0.20 -4.90 7.83
CA ARG A 65 0.76 -5.51 8.76
C ARG A 65 0.23 -5.24 10.15
N ARG A 66 -0.46 -4.14 10.29
CA ARG A 66 -1.06 -3.79 11.60
C ARG A 66 -2.23 -4.72 11.91
N LEU A 67 -3.16 -4.85 11.01
CA LEU A 67 -4.32 -5.74 11.26
C LEU A 67 -4.15 -7.08 10.53
N ALA A 68 -4.09 -7.05 9.23
CA ALA A 68 -3.94 -8.32 8.45
C ALA A 68 -2.79 -9.16 9.00
N HIS A 69 -1.61 -8.62 9.01
CA HIS A 69 -0.44 -9.39 9.51
C HIS A 69 -0.35 -10.73 8.77
N GLY A 70 -0.67 -10.70 7.51
CA GLY A 70 -0.61 -11.94 6.70
C GLY A 70 -0.45 -11.56 5.22
N GLY A 71 -0.14 -10.31 4.97
CA GLY A 71 0.03 -9.87 3.56
C GLY A 71 -1.31 -9.92 2.82
N GLN A 72 -2.35 -9.48 3.45
CA GLN A 72 -3.68 -9.50 2.79
C GLN A 72 -4.54 -8.35 3.34
N VAL A 73 -4.79 -7.35 2.53
CA VAL A 73 -5.62 -6.21 3.02
C VAL A 73 -6.38 -5.56 1.87
N ASN A 74 -7.53 -4.99 2.14
CA ASN A 74 -8.31 -4.31 1.07
C ASN A 74 -7.70 -2.94 0.80
N LEU A 75 -6.96 -2.82 -0.27
CA LEU A 75 -6.32 -1.51 -0.58
C LEU A 75 -6.49 -1.14 -2.05
N ASP A 76 -6.53 0.13 -2.35
CA ASP A 76 -6.69 0.57 -3.75
C ASP A 76 -5.32 0.91 -4.35
N MET A 77 -5.27 1.12 -5.64
CA MET A 77 -3.96 1.45 -6.28
C MET A 77 -4.05 2.78 -7.03
N GLU A 78 -3.49 3.83 -6.49
CA GLU A 78 -3.55 5.15 -7.18
C GLU A 78 -2.80 5.09 -8.51
N ASP A 79 -3.44 5.48 -9.58
CA ASP A 79 -2.79 5.43 -10.91
C ASP A 79 -2.34 6.84 -11.34
N HIS A 80 -1.09 7.14 -11.17
CA HIS A 80 -0.58 8.49 -11.57
C HIS A 80 0.92 8.42 -11.83
N ARG A 81 1.33 7.61 -12.77
CA ARG A 81 2.79 7.47 -13.06
C ARG A 81 3.29 8.69 -13.83
N ASP A 82 2.55 9.13 -14.80
CA ASP A 82 2.99 10.32 -15.59
C ASP A 82 3.29 11.50 -14.67
N GLU A 83 2.88 11.42 -13.43
CA GLU A 83 3.14 12.56 -12.50
C GLU A 83 3.41 12.05 -11.07
N ASP A 84 4.23 11.04 -10.92
CA ASP A 84 4.51 10.53 -9.56
C ASP A 84 6.01 10.25 -9.38
N PHE A 85 6.57 10.67 -8.26
CA PHE A 85 8.01 10.41 -8.00
C PHE A 85 8.80 10.43 -9.31
N VAL A 86 8.71 11.50 -10.05
CA VAL A 86 9.46 11.58 -11.34
C VAL A 86 10.93 11.92 -11.07
N LYS A 87 11.81 11.55 -11.96
CA LYS A 87 13.25 11.85 -11.76
C LYS A 87 13.45 13.34 -11.44
N PRO A 88 14.63 13.67 -11.01
CA PRO A 88 14.95 15.07 -10.66
C PRO A 88 15.09 15.92 -11.92
N GLU A 13 -17.36 -4.40 27.22
CA GLU A 13 -18.57 -4.38 26.34
C GLU A 13 -18.15 -4.15 24.88
N ARG A 14 -18.07 -5.20 24.11
CA ARG A 14 -17.67 -5.04 22.69
C ARG A 14 -18.72 -4.21 21.93
N ARG A 15 -18.65 -2.92 22.03
CA ARG A 15 -19.64 -2.06 21.32
C ARG A 15 -18.92 -0.95 20.55
N ARG A 16 -18.45 -1.24 19.37
CA ARG A 16 -17.74 -0.19 18.57
C ARG A 16 -17.99 -0.42 17.08
N HIS A 17 -17.26 0.28 16.24
CA HIS A 17 -17.45 0.11 14.78
C HIS A 17 -16.10 -0.01 14.07
N SER A 18 -15.88 -1.08 13.36
CA SER A 18 -14.57 -1.24 12.65
C SER A 18 -14.65 -2.43 11.68
N GLY A 19 -15.25 -3.52 12.11
CA GLY A 19 -15.35 -4.69 11.21
C GLY A 19 -13.95 -5.18 10.84
N GLN A 20 -13.71 -6.47 10.91
CA GLN A 20 -12.36 -7.00 10.57
C GLN A 20 -12.07 -6.78 9.09
N ASP A 21 -11.96 -5.54 8.67
CA ASP A 21 -11.67 -5.25 7.24
C ASP A 21 -10.47 -4.32 7.12
N VAL A 22 -9.41 -4.79 6.54
CA VAL A 22 -8.20 -3.94 6.38
C VAL A 22 -8.20 -3.25 5.02
N HIS A 23 -8.52 -1.98 4.97
CA HIS A 23 -8.55 -1.26 3.67
C HIS A 23 -7.54 -0.10 3.68
N VAL A 24 -6.86 0.13 2.59
CA VAL A 24 -5.87 1.24 2.54
C VAL A 24 -5.65 1.73 1.11
N VAL A 25 -5.00 2.85 0.94
CA VAL A 25 -4.75 3.38 -0.43
C VAL A 25 -3.27 3.20 -0.79
N LEU A 26 -2.99 2.53 -1.88
CA LEU A 26 -1.57 2.32 -2.26
C LEU A 26 -1.26 3.02 -3.58
N LYS A 27 -0.50 4.09 -3.54
CA LYS A 27 -0.15 4.82 -4.78
C LYS A 27 1.17 4.32 -5.35
N LEU A 28 1.38 4.47 -6.62
CA LEU A 28 2.66 4.00 -7.23
C LEU A 28 3.28 5.11 -8.08
N TRP A 29 4.47 5.51 -7.77
CA TRP A 29 5.14 6.58 -8.57
C TRP A 29 6.01 5.95 -9.66
N LYS A 30 6.55 6.75 -10.54
CA LYS A 30 7.39 6.23 -11.65
C LYS A 30 8.29 5.06 -11.17
N THR A 31 8.83 5.15 -9.99
CA THR A 31 9.71 4.05 -9.52
C THR A 31 9.56 3.86 -8.00
N GLY A 32 8.51 4.37 -7.44
CA GLY A 32 8.30 4.24 -5.99
C GLY A 32 6.81 4.26 -5.70
N PHE A 33 6.39 3.64 -4.63
CA PHE A 33 4.94 3.65 -4.29
C PHE A 33 4.72 4.21 -2.88
N SER A 34 3.70 5.00 -2.69
CA SER A 34 3.45 5.58 -1.34
C SER A 34 2.26 4.89 -0.66
N LEU A 35 1.97 5.27 0.54
CA LEU A 35 0.84 4.65 1.27
C LEU A 35 0.54 5.42 2.56
N ASP A 36 -0.66 5.90 2.72
CA ASP A 36 -1.00 6.67 3.95
C ASP A 36 -0.18 7.96 4.01
N ASN A 37 -0.37 8.75 5.03
CA ASN A 37 0.40 10.03 5.14
C ASN A 37 1.91 9.73 5.06
N GLY A 38 2.31 8.55 5.43
CA GLY A 38 3.76 8.20 5.38
C GLY A 38 4.38 8.77 4.11
N ASP A 39 5.68 8.89 4.10
CA ASP A 39 6.36 9.45 2.88
C ASP A 39 6.31 8.43 1.74
N LEU A 40 6.94 8.74 0.63
CA LEU A 40 6.92 7.80 -0.52
C LEU A 40 7.93 6.67 -0.29
N ARG A 41 7.65 5.50 -0.80
CA ARG A 41 8.59 4.35 -0.60
C ARG A 41 9.32 4.04 -1.90
N SER A 42 10.55 3.60 -1.81
CA SER A 42 11.32 3.27 -3.05
C SER A 42 11.09 1.80 -3.43
N TYR A 43 10.90 1.53 -4.69
CA TYR A 43 10.66 0.12 -5.13
C TYR A 43 11.78 -0.81 -4.62
N GLN A 44 12.87 -0.27 -4.14
CA GLN A 44 13.98 -1.14 -3.66
C GLN A 44 13.85 -1.43 -2.16
N ASP A 45 13.46 -0.45 -1.39
CA ASP A 45 13.33 -0.64 0.08
C ASP A 45 12.73 -2.02 0.40
N PRO A 46 12.90 -2.42 1.63
CA PRO A 46 12.38 -3.74 2.08
C PRO A 46 10.86 -3.69 2.22
N SER A 47 10.33 -2.61 2.72
CA SER A 47 8.85 -2.51 2.86
C SER A 47 8.19 -3.03 1.58
N ASN A 48 8.91 -2.97 0.49
CA ASN A 48 8.34 -3.47 -0.80
C ASN A 48 8.11 -4.97 -0.73
N ALA A 49 8.54 -5.60 0.32
CA ALA A 49 8.34 -7.07 0.45
C ALA A 49 6.84 -7.37 0.43
N GLN A 50 6.10 -6.81 1.35
CA GLN A 50 4.63 -7.05 1.35
C GLN A 50 3.97 -6.02 0.43
N PHE A 51 4.58 -4.88 0.27
CA PHE A 51 3.98 -3.86 -0.63
C PHE A 51 3.98 -4.38 -2.06
N LEU A 52 5.13 -4.71 -2.57
CA LEU A 52 5.22 -5.22 -3.96
C LEU A 52 4.64 -6.63 -4.08
N GLU A 53 5.05 -7.53 -3.23
CA GLU A 53 4.55 -8.93 -3.32
C GLU A 53 3.08 -9.02 -2.88
N SER A 54 2.79 -8.62 -1.68
CA SER A 54 1.40 -8.71 -1.19
C SER A 54 0.45 -7.91 -2.08
N ILE A 55 0.87 -6.78 -2.56
CA ILE A 55 -0.03 -5.98 -3.43
C ILE A 55 -0.35 -6.76 -4.70
N ARG A 56 0.65 -7.31 -5.33
CA ARG A 56 0.41 -8.10 -6.57
C ARG A 56 -0.67 -9.13 -6.29
N ARG A 57 -0.63 -9.77 -5.16
CA ARG A 57 -1.65 -10.78 -4.81
C ARG A 57 -2.90 -10.08 -4.28
N GLY A 58 -2.80 -8.82 -3.99
CA GLY A 58 -3.97 -8.07 -3.46
C GLY A 58 -3.84 -7.89 -1.95
N GLU A 59 -2.72 -7.39 -1.51
CA GLU A 59 -2.52 -7.20 -0.04
C GLU A 59 -1.77 -5.89 0.23
N VAL A 60 -2.03 -5.27 1.36
CA VAL A 60 -1.35 -4.00 1.71
C VAL A 60 -0.05 -4.27 2.47
N PRO A 61 0.88 -3.39 2.29
CA PRO A 61 2.22 -3.50 2.95
C PRO A 61 2.16 -3.20 4.45
N ALA A 62 1.58 -2.11 4.84
CA ALA A 62 1.54 -1.75 6.29
C ALA A 62 0.16 -2.05 6.92
N GLU A 63 -0.86 -1.38 6.48
CA GLU A 63 -2.21 -1.60 7.07
C GLU A 63 -2.58 -3.08 7.11
N LEU A 64 -1.91 -3.90 6.33
CA LEU A 64 -2.24 -5.34 6.36
C LEU A 64 -1.64 -5.96 7.60
N ARG A 65 -0.48 -5.51 8.00
CA ARG A 65 0.13 -6.07 9.21
C ARG A 65 -0.68 -5.60 10.41
N ARG A 66 -1.36 -4.49 10.27
CA ARG A 66 -2.19 -3.98 11.38
C ARG A 66 -3.38 -4.92 11.61
N LEU A 67 -4.20 -5.10 10.61
CA LEU A 67 -5.37 -5.99 10.76
C LEU A 67 -5.09 -7.37 10.14
N ALA A 68 -4.73 -7.39 8.89
CA ALA A 68 -4.44 -8.68 8.21
C ALA A 68 -3.47 -9.51 9.04
N HIS A 69 -2.30 -9.00 9.27
CA HIS A 69 -1.28 -9.75 10.08
C HIS A 69 -0.61 -10.84 9.25
N GLY A 70 -0.14 -10.52 8.08
CA GLY A 70 0.52 -11.55 7.25
C GLY A 70 0.57 -11.09 5.80
N GLY A 71 -0.57 -11.02 5.16
CA GLY A 71 -0.60 -10.59 3.74
C GLY A 71 -2.00 -10.79 3.17
N GLN A 72 -2.97 -10.13 3.72
CA GLN A 72 -4.36 -10.27 3.21
C GLN A 72 -5.16 -8.98 3.46
N VAL A 73 -5.12 -8.04 2.55
CA VAL A 73 -5.89 -6.78 2.76
C VAL A 73 -6.28 -6.16 1.41
N ASN A 74 -7.39 -5.46 1.38
CA ASN A 74 -7.82 -4.81 0.10
C ASN A 74 -7.10 -3.46 -0.06
N LEU A 75 -6.17 -3.40 -0.97
CA LEU A 75 -5.42 -2.13 -1.16
C LEU A 75 -5.97 -1.34 -2.36
N ASP A 76 -5.92 -0.04 -2.30
CA ASP A 76 -6.39 0.78 -3.43
C ASP A 76 -5.21 1.07 -4.37
N MET A 77 -5.46 1.61 -5.52
CA MET A 77 -4.32 1.88 -6.45
C MET A 77 -4.43 3.29 -7.04
N GLU A 78 -3.58 4.19 -6.61
CA GLU A 78 -3.62 5.57 -7.15
C GLU A 78 -2.72 5.67 -8.39
N ASP A 79 -3.28 6.06 -9.50
CA ASP A 79 -2.46 6.16 -10.74
C ASP A 79 -1.55 7.39 -10.68
N HIS A 80 -0.26 7.19 -10.65
CA HIS A 80 0.68 8.33 -10.59
C HIS A 80 2.08 7.90 -11.05
N ARG A 81 2.22 7.45 -12.27
CA ARG A 81 3.56 7.02 -12.75
C ARG A 81 4.25 8.14 -13.52
N ASP A 82 3.69 8.54 -14.62
CA ASP A 82 4.31 9.63 -15.42
C ASP A 82 3.86 10.99 -14.91
N GLU A 83 3.23 11.03 -13.76
CA GLU A 83 2.76 12.34 -13.24
C GLU A 83 3.14 12.50 -11.76
N ASP A 84 3.75 11.51 -11.17
CA ASP A 84 4.11 11.63 -9.74
C ASP A 84 5.55 11.13 -9.50
N PHE A 85 6.30 11.84 -8.69
CA PHE A 85 7.70 11.40 -8.40
C PHE A 85 8.49 11.20 -9.69
N VAL A 86 9.54 11.95 -9.87
CA VAL A 86 10.37 11.81 -11.11
C VAL A 86 9.50 12.07 -12.35
N LYS A 87 9.70 13.20 -12.98
CA LYS A 87 8.89 13.51 -14.21
C LYS A 87 8.97 12.36 -15.21
N PRO A 88 8.24 12.51 -16.28
CA PRO A 88 8.23 11.47 -17.34
C PRO A 88 9.54 11.50 -18.13
N GLU A 13 -3.82 -18.10 20.44
CA GLU A 13 -5.07 -18.67 19.87
C GLU A 13 -4.86 -19.00 18.38
N ARG A 14 -4.99 -18.02 17.53
CA ARG A 14 -4.80 -18.29 16.08
C ARG A 14 -3.56 -17.55 15.56
N ARG A 15 -3.57 -16.25 15.59
CA ARG A 15 -2.38 -15.48 15.11
C ARG A 15 -2.39 -14.07 15.70
N ARG A 16 -3.39 -13.30 15.38
CA ARG A 16 -3.45 -11.90 15.92
C ARG A 16 -4.89 -11.37 15.83
N HIS A 17 -5.83 -12.09 16.36
CA HIS A 17 -7.25 -11.62 16.31
C HIS A 17 -7.65 -11.33 14.85
N SER A 18 -7.94 -12.36 14.09
CA SER A 18 -8.34 -12.14 12.67
C SER A 18 -9.62 -11.30 12.60
N GLY A 19 -9.83 -10.61 11.51
CA GLY A 19 -11.06 -9.78 11.39
C GLY A 19 -11.36 -9.54 9.90
N GLN A 20 -12.32 -8.71 9.61
CA GLN A 20 -12.67 -8.43 8.18
C GLN A 20 -12.95 -6.94 7.99
N ASP A 21 -11.92 -6.13 7.95
CA ASP A 21 -12.14 -4.67 7.75
C ASP A 21 -10.81 -3.97 7.51
N VAL A 22 -9.90 -4.68 6.93
CA VAL A 22 -8.57 -4.11 6.64
C VAL A 22 -8.52 -3.53 5.22
N HIS A 23 -8.72 -2.25 5.09
CA HIS A 23 -8.70 -1.62 3.74
C HIS A 23 -7.83 -0.36 3.77
N VAL A 24 -7.11 -0.09 2.71
CA VAL A 24 -6.25 1.14 2.70
C VAL A 24 -5.94 1.56 1.26
N VAL A 25 -5.40 2.74 1.08
CA VAL A 25 -5.07 3.21 -0.29
C VAL A 25 -3.59 2.94 -0.59
N LEU A 26 -3.27 2.60 -1.82
CA LEU A 26 -1.85 2.32 -2.16
C LEU A 26 -1.52 2.90 -3.55
N LYS A 27 -0.74 3.94 -3.60
CA LYS A 27 -0.39 4.54 -4.90
C LYS A 27 0.93 3.97 -5.42
N LEU A 28 1.13 3.96 -6.71
CA LEU A 28 2.40 3.41 -7.26
C LEU A 28 3.05 4.40 -8.24
N TRP A 29 4.15 5.01 -7.85
CA TRP A 29 4.83 5.96 -8.75
C TRP A 29 5.74 5.18 -9.72
N LYS A 30 6.27 5.84 -10.72
CA LYS A 30 7.14 5.13 -11.72
C LYS A 30 8.03 4.08 -11.06
N THR A 31 8.74 4.42 -10.02
CA THR A 31 9.61 3.41 -9.36
C THR A 31 9.43 3.44 -7.85
N GLY A 32 8.36 4.04 -7.40
CA GLY A 32 8.09 4.10 -5.95
C GLY A 32 6.60 4.17 -5.71
N PHE A 33 6.13 3.71 -4.59
CA PHE A 33 4.66 3.78 -4.33
C PHE A 33 4.38 4.45 -2.98
N SER A 34 3.25 5.10 -2.85
CA SER A 34 2.92 5.80 -1.57
C SER A 34 1.85 5.03 -0.81
N LEU A 35 1.51 5.50 0.36
CA LEU A 35 0.46 4.81 1.17
C LEU A 35 0.28 5.53 2.51
N ASP A 36 -0.93 5.86 2.84
CA ASP A 36 -1.18 6.57 4.14
C ASP A 36 -0.53 7.95 4.11
N ASN A 37 0.06 8.36 5.20
CA ASN A 37 0.70 9.70 5.25
C ASN A 37 2.23 9.55 5.32
N GLY A 38 2.70 8.38 5.65
CA GLY A 38 4.18 8.18 5.74
C GLY A 38 4.85 8.66 4.45
N ASP A 39 6.13 8.89 4.48
CA ASP A 39 6.84 9.37 3.26
C ASP A 39 6.68 8.35 2.13
N LEU A 40 7.13 8.70 0.94
CA LEU A 40 7.01 7.76 -0.20
C LEU A 40 7.90 6.53 0.01
N ARG A 41 7.59 5.43 -0.62
CA ARG A 41 8.43 4.22 -0.44
C ARG A 41 9.19 3.91 -1.74
N SER A 42 10.43 3.51 -1.62
CA SER A 42 11.23 3.20 -2.84
C SER A 42 11.06 1.73 -3.23
N TYR A 43 10.79 1.46 -4.47
CA TYR A 43 10.61 0.05 -4.93
C TYR A 43 11.71 -0.85 -4.34
N GLN A 44 12.82 -0.30 -3.95
CA GLN A 44 13.93 -1.13 -3.39
C GLN A 44 13.72 -1.40 -1.90
N ASP A 45 13.28 -0.43 -1.16
CA ASP A 45 13.07 -0.61 0.30
C ASP A 45 12.55 -2.03 0.61
N PRO A 46 12.73 -2.45 1.84
CA PRO A 46 12.28 -3.79 2.27
C PRO A 46 10.75 -3.85 2.28
N SER A 47 10.10 -2.86 2.84
CA SER A 47 8.62 -2.88 2.85
C SER A 47 8.11 -3.30 1.47
N ASN A 48 8.91 -3.09 0.47
CA ASN A 48 8.51 -3.47 -0.91
C ASN A 48 8.29 -4.98 -0.99
N ALA A 49 8.66 -5.70 0.04
CA ALA A 49 8.47 -7.17 0.03
C ALA A 49 6.98 -7.47 -0.04
N GLN A 50 6.26 -7.08 0.97
CA GLN A 50 4.78 -7.31 0.95
C GLN A 50 4.12 -6.18 0.16
N PHE A 51 4.69 -5.01 0.21
CA PHE A 51 4.12 -3.87 -0.55
C PHE A 51 4.18 -4.16 -2.04
N LEU A 52 5.34 -4.37 -2.55
CA LEU A 52 5.49 -4.64 -4.01
C LEU A 52 4.93 -6.01 -4.39
N GLU A 53 5.37 -7.05 -3.74
CA GLU A 53 4.89 -8.41 -4.09
C GLU A 53 3.43 -8.63 -3.68
N SER A 54 3.15 -8.45 -2.43
CA SER A 54 1.76 -8.69 -1.95
C SER A 54 0.77 -7.75 -2.67
N ILE A 55 1.16 -6.55 -2.95
CA ILE A 55 0.23 -5.63 -3.65
C ILE A 55 -0.09 -6.19 -5.04
N ARG A 56 0.92 -6.58 -5.77
CA ARG A 56 0.67 -7.15 -7.11
C ARG A 56 -0.42 -8.21 -6.98
N ARG A 57 -0.33 -9.01 -5.96
CA ARG A 57 -1.36 -10.06 -5.74
C ARG A 57 -2.62 -9.43 -5.15
N GLY A 58 -2.47 -8.36 -4.41
CA GLY A 58 -3.65 -7.69 -3.80
C GLY A 58 -3.51 -7.69 -2.28
N GLU A 59 -2.52 -7.02 -1.77
CA GLU A 59 -2.33 -6.98 -0.29
C GLU A 59 -1.66 -5.66 0.14
N VAL A 60 -1.93 -5.21 1.33
CA VAL A 60 -1.33 -3.95 1.83
C VAL A 60 0.01 -4.22 2.53
N PRO A 61 0.87 -3.25 2.46
CA PRO A 61 2.22 -3.33 3.06
C PRO A 61 2.21 -3.10 4.58
N ALA A 62 1.84 -1.93 5.01
CA ALA A 62 1.83 -1.63 6.48
C ALA A 62 0.42 -1.72 7.07
N GLU A 63 -0.47 -0.87 6.63
CA GLU A 63 -1.86 -0.88 7.19
C GLU A 63 -2.36 -2.32 7.31
N LEU A 64 -1.81 -3.22 6.53
CA LEU A 64 -2.25 -4.62 6.61
C LEU A 64 -1.61 -5.26 7.84
N ARG A 65 -0.36 -4.99 8.06
CA ARG A 65 0.30 -5.58 9.26
C ARG A 65 -0.57 -5.24 10.46
N ARG A 66 -1.26 -4.14 10.38
CA ARG A 66 -2.16 -3.74 11.49
C ARG A 66 -3.36 -4.68 11.56
N LEU A 67 -4.13 -4.75 10.49
CA LEU A 67 -5.31 -5.64 10.51
C LEU A 67 -5.02 -6.96 9.77
N ALA A 68 -4.34 -6.89 8.67
CA ALA A 68 -4.04 -8.14 7.89
C ALA A 68 -3.69 -9.29 8.85
N HIS A 69 -2.55 -9.22 9.47
CA HIS A 69 -2.15 -10.31 10.41
C HIS A 69 -1.79 -11.58 9.64
N GLY A 70 -1.10 -11.42 8.54
CA GLY A 70 -0.70 -12.61 7.74
C GLY A 70 -0.19 -12.15 6.38
N GLY A 71 -0.52 -10.95 5.98
CA GLY A 71 -0.06 -10.44 4.66
C GLY A 71 -1.19 -10.57 3.64
N GLN A 72 -2.35 -10.12 3.99
CA GLN A 72 -3.51 -10.20 3.06
C GLN A 72 -4.49 -9.05 3.36
N VAL A 73 -4.55 -8.05 2.51
CA VAL A 73 -5.46 -6.92 2.77
C VAL A 73 -5.92 -6.26 1.47
N ASN A 74 -7.10 -5.68 1.46
CA ASN A 74 -7.60 -5.02 0.22
C ASN A 74 -7.04 -3.60 0.14
N LEU A 75 -6.40 -3.26 -0.95
CA LEU A 75 -5.82 -1.91 -1.07
C LEU A 75 -6.35 -1.19 -2.32
N ASP A 76 -6.28 0.12 -2.31
CA ASP A 76 -6.74 0.90 -3.49
C ASP A 76 -5.53 1.35 -4.30
N MET A 77 -5.36 0.83 -5.48
CA MET A 77 -4.17 1.23 -6.29
C MET A 77 -4.38 2.62 -6.91
N GLU A 78 -3.72 3.61 -6.38
CA GLU A 78 -3.87 4.98 -6.92
C GLU A 78 -3.05 5.14 -8.19
N ASP A 79 -3.68 5.50 -9.27
CA ASP A 79 -2.95 5.67 -10.55
C ASP A 79 -2.33 7.07 -10.62
N HIS A 80 -1.05 7.18 -10.36
CA HIS A 80 -0.40 8.52 -10.42
C HIS A 80 0.91 8.43 -11.22
N ARG A 81 0.88 7.81 -12.36
CA ARG A 81 2.12 7.69 -13.18
C ARG A 81 2.38 8.99 -13.91
N ASP A 82 1.36 9.60 -14.44
CA ASP A 82 1.58 10.90 -15.14
C ASP A 82 2.29 11.84 -14.18
N GLU A 83 2.18 11.55 -12.91
CA GLU A 83 2.85 12.38 -11.87
C GLU A 83 3.58 11.48 -10.87
N ASP A 84 4.60 10.79 -11.33
CA ASP A 84 5.35 9.89 -10.43
C ASP A 84 6.21 10.68 -9.45
N PHE A 85 6.27 10.25 -8.22
CA PHE A 85 7.09 10.98 -7.20
C PHE A 85 8.43 11.41 -7.81
N VAL A 86 8.73 12.68 -7.76
CA VAL A 86 10.03 13.16 -8.34
C VAL A 86 10.05 14.68 -8.38
N LYS A 87 11.11 15.29 -7.93
CA LYS A 87 11.18 16.78 -7.94
C LYS A 87 10.67 17.32 -9.28
N PRO A 88 10.13 18.50 -9.23
CA PRO A 88 9.58 19.15 -10.45
C PRO A 88 10.71 19.62 -11.35
N GLU A 13 -10.93 8.14 20.54
CA GLU A 13 -11.32 6.79 21.05
C GLU A 13 -12.11 6.03 19.98
N ARG A 14 -11.90 4.74 19.88
CA ARG A 14 -12.65 3.95 18.86
C ARG A 14 -12.38 4.51 17.46
N ARG A 15 -11.53 3.87 16.70
CA ARG A 15 -11.23 4.37 15.33
C ARG A 15 -12.46 4.18 14.41
N ARG A 16 -13.49 4.95 14.62
CA ARG A 16 -14.71 4.81 13.77
C ARG A 16 -15.30 3.41 13.94
N HIS A 17 -14.71 2.42 13.32
CA HIS A 17 -15.25 1.04 13.44
C HIS A 17 -14.39 0.07 12.62
N SER A 18 -13.15 -0.10 12.98
CA SER A 18 -12.27 -1.02 12.21
C SER A 18 -12.54 -2.47 12.65
N GLY A 19 -12.56 -3.38 11.71
CA GLY A 19 -12.80 -4.81 12.08
C GLY A 19 -12.73 -5.67 10.81
N GLN A 20 -13.54 -5.37 9.83
CA GLN A 20 -13.52 -6.17 8.58
C GLN A 20 -12.17 -6.02 7.87
N ASP A 21 -11.17 -6.73 8.32
CA ASP A 21 -9.83 -6.62 7.67
C ASP A 21 -9.40 -5.15 7.60
N VAL A 22 -8.20 -4.90 7.17
CA VAL A 22 -7.72 -3.51 7.08
C VAL A 22 -7.96 -2.95 5.66
N HIS A 23 -8.34 -1.71 5.55
CA HIS A 23 -8.58 -1.11 4.21
C HIS A 23 -7.87 0.25 4.11
N VAL A 24 -7.18 0.50 3.04
CA VAL A 24 -6.46 1.80 2.91
C VAL A 24 -6.14 2.10 1.45
N VAL A 25 -5.73 3.31 1.15
CA VAL A 25 -5.40 3.68 -0.25
C VAL A 25 -3.93 3.37 -0.57
N LEU A 26 -3.61 3.17 -1.81
CA LEU A 26 -2.20 2.85 -2.18
C LEU A 26 -1.87 3.45 -3.56
N LYS A 27 -0.74 4.08 -3.71
CA LYS A 27 -0.38 4.67 -5.02
C LYS A 27 0.95 4.10 -5.51
N LEU A 28 1.17 4.11 -6.80
CA LEU A 28 2.46 3.58 -7.33
C LEU A 28 3.14 4.63 -8.21
N TRP A 29 4.23 5.18 -7.75
CA TRP A 29 4.94 6.22 -8.55
C TRP A 29 5.87 5.54 -9.56
N LYS A 30 6.45 6.31 -10.46
CA LYS A 30 7.34 5.72 -11.51
C LYS A 30 8.20 4.58 -10.96
N THR A 31 8.88 4.78 -9.87
CA THR A 31 9.72 3.69 -9.31
C THR A 31 9.50 3.56 -7.81
N GLY A 32 8.42 4.09 -7.32
CA GLY A 32 8.13 4.02 -5.87
C GLY A 32 6.62 4.04 -5.66
N PHE A 33 6.16 3.45 -4.60
CA PHE A 33 4.69 3.45 -4.34
C PHE A 33 4.40 4.02 -2.94
N SER A 34 3.27 4.65 -2.77
CA SER A 34 2.95 5.21 -1.41
C SER A 34 1.87 4.38 -0.75
N LEU A 35 1.53 4.72 0.45
CA LEU A 35 0.49 3.96 1.19
C LEU A 35 0.01 4.74 2.41
N ASP A 36 -1.24 5.14 2.41
CA ASP A 36 -1.76 5.92 3.57
C ASP A 36 -1.11 7.31 3.62
N ASN A 37 -0.83 7.78 4.81
CA ASN A 37 -0.19 9.13 4.92
C ASN A 37 1.34 8.99 5.02
N GLY A 38 1.82 7.80 5.22
CA GLY A 38 3.29 7.60 5.33
C GLY A 38 3.98 8.23 4.13
N ASP A 39 5.26 8.46 4.23
CA ASP A 39 6.00 9.07 3.08
C ASP A 39 6.02 8.12 1.88
N LEU A 40 6.80 8.42 0.89
CA LEU A 40 6.86 7.54 -0.31
C LEU A 40 7.80 6.37 -0.05
N ARG A 41 7.52 5.22 -0.61
CA ARG A 41 8.41 4.05 -0.40
C ARG A 41 9.16 3.72 -1.69
N SER A 42 10.42 3.38 -1.58
CA SER A 42 11.21 3.03 -2.80
C SER A 42 11.09 1.53 -3.10
N TYR A 43 10.58 1.19 -4.24
CA TYR A 43 10.43 -0.26 -4.60
C TYR A 43 11.60 -1.08 -4.04
N GLN A 44 12.77 -0.49 -3.96
CA GLN A 44 13.94 -1.24 -3.45
C GLN A 44 13.82 -1.47 -1.93
N ASP A 45 13.32 -0.50 -1.22
CA ASP A 45 13.18 -0.64 0.26
C ASP A 45 12.77 -2.07 0.63
N PRO A 46 13.03 -2.42 1.86
CA PRO A 46 12.67 -3.77 2.37
C PRO A 46 11.16 -3.89 2.53
N SER A 47 10.54 -2.93 3.16
CA SER A 47 9.06 -2.99 3.34
C SER A 47 8.42 -3.44 2.03
N ASN A 48 9.05 -3.17 0.93
CA ASN A 48 8.49 -3.57 -0.39
C ASN A 48 8.33 -5.09 -0.43
N ALA A 49 8.91 -5.78 0.50
CA ALA A 49 8.78 -7.27 0.53
C ALA A 49 7.30 -7.62 0.62
N GLN A 50 6.63 -7.14 1.63
CA GLN A 50 5.19 -7.43 1.76
C GLN A 50 4.41 -6.55 0.78
N PHE A 51 5.03 -5.47 0.34
CA PHE A 51 4.35 -4.57 -0.63
C PHE A 51 4.33 -5.23 -2.01
N LEU A 52 5.49 -5.38 -2.59
CA LEU A 52 5.57 -6.01 -3.92
C LEU A 52 4.84 -7.35 -3.92
N GLU A 53 4.96 -8.09 -2.87
CA GLU A 53 4.28 -9.42 -2.82
C GLU A 53 2.77 -9.22 -2.63
N SER A 54 2.39 -8.42 -1.68
CA SER A 54 0.94 -8.20 -1.44
C SER A 54 0.35 -7.30 -2.51
N ILE A 55 0.97 -6.18 -2.77
CA ILE A 55 0.45 -5.27 -3.82
C ILE A 55 0.24 -6.05 -5.12
N ARG A 56 1.19 -6.88 -5.46
CA ARG A 56 1.05 -7.68 -6.71
C ARG A 56 -0.22 -8.52 -6.62
N ARG A 57 -0.38 -9.24 -5.55
CA ARG A 57 -1.60 -10.07 -5.37
C ARG A 57 -2.82 -9.18 -5.17
N GLY A 58 -2.59 -7.92 -4.91
CA GLY A 58 -3.72 -6.98 -4.70
C GLY A 58 -3.90 -6.70 -3.20
N GLU A 59 -2.81 -6.47 -2.51
CA GLU A 59 -2.92 -6.20 -1.05
C GLU A 59 -1.78 -5.28 -0.59
N VAL A 60 -2.07 -4.33 0.25
CA VAL A 60 -1.02 -3.40 0.74
C VAL A 60 -0.38 -3.98 2.00
N PRO A 61 0.91 -3.80 2.09
CA PRO A 61 1.71 -4.34 3.23
C PRO A 61 1.46 -3.60 4.55
N ALA A 62 2.00 -2.43 4.69
CA ALA A 62 1.81 -1.67 5.97
C ALA A 62 0.38 -1.88 6.48
N GLU A 63 -0.57 -1.83 5.61
CA GLU A 63 -1.98 -2.03 6.04
C GLU A 63 -2.18 -3.48 6.50
N LEU A 64 -1.89 -4.44 5.66
CA LEU A 64 -2.08 -5.85 6.11
C LEU A 64 -1.27 -6.08 7.37
N ARG A 65 -0.24 -5.31 7.56
CA ARG A 65 0.55 -5.51 8.79
C ARG A 65 -0.23 -4.96 9.97
N ARG A 66 -1.07 -3.99 9.74
CA ARG A 66 -1.89 -3.44 10.84
C ARG A 66 -2.90 -4.48 11.30
N LEU A 67 -3.78 -4.88 10.43
CA LEU A 67 -4.81 -5.88 10.82
C LEU A 67 -4.45 -7.28 10.30
N ALA A 68 -4.20 -7.39 9.04
CA ALA A 68 -3.87 -8.73 8.45
C ALA A 68 -2.79 -9.44 9.25
N HIS A 69 -1.72 -8.76 9.54
CA HIS A 69 -0.61 -9.39 10.32
C HIS A 69 -0.05 -10.59 9.55
N GLY A 70 0.18 -10.43 8.28
CA GLY A 70 0.73 -11.54 7.47
C GLY A 70 0.83 -11.11 6.01
N GLY A 71 -0.17 -10.42 5.52
CA GLY A 71 -0.15 -9.97 4.11
C GLY A 71 -1.52 -10.18 3.47
N GLN A 72 -2.53 -9.55 4.00
CA GLN A 72 -3.89 -9.69 3.42
C GLN A 72 -4.72 -8.42 3.68
N VAL A 73 -4.69 -7.47 2.77
CA VAL A 73 -5.48 -6.24 2.98
C VAL A 73 -5.91 -5.62 1.65
N ASN A 74 -7.02 -4.92 1.64
CA ASN A 74 -7.50 -4.28 0.38
C ASN A 74 -6.93 -2.85 0.25
N LEU A 75 -6.24 -2.57 -0.82
CA LEU A 75 -5.66 -1.22 -0.99
C LEU A 75 -6.25 -0.49 -2.19
N ASP A 76 -6.35 0.81 -2.13
CA ASP A 76 -6.88 1.58 -3.28
C ASP A 76 -5.69 1.98 -4.18
N MET A 77 -5.56 1.39 -5.32
CA MET A 77 -4.40 1.74 -6.20
C MET A 77 -4.62 3.07 -6.92
N GLU A 78 -3.67 3.96 -6.82
CA GLU A 78 -3.79 5.28 -7.50
C GLU A 78 -2.87 5.31 -8.72
N ASP A 79 -3.42 5.59 -9.87
CA ASP A 79 -2.59 5.62 -11.10
C ASP A 79 -2.13 7.05 -11.42
N HIS A 80 -0.91 7.37 -11.11
CA HIS A 80 -0.38 8.73 -11.41
C HIS A 80 1.04 8.61 -11.94
N ARG A 81 1.26 7.74 -12.88
CA ARG A 81 2.63 7.56 -13.44
C ARG A 81 3.03 8.79 -14.27
N ASP A 82 2.10 9.36 -14.97
CA ASP A 82 2.41 10.56 -15.79
C ASP A 82 2.75 11.73 -14.87
N GLU A 83 2.59 11.56 -13.58
CA GLU A 83 2.90 12.68 -12.64
C GLU A 83 3.31 12.14 -11.28
N ASP A 84 4.00 11.03 -11.25
CA ASP A 84 4.42 10.45 -9.94
C ASP A 84 5.93 10.60 -9.74
N PHE A 85 6.43 10.14 -8.62
CA PHE A 85 7.89 10.24 -8.35
C PHE A 85 8.69 9.68 -9.52
N VAL A 86 9.37 10.52 -10.25
CA VAL A 86 10.17 10.04 -11.42
C VAL A 86 11.43 9.33 -10.92
N LYS A 87 12.27 8.89 -11.83
CA LYS A 87 13.53 8.21 -11.40
C LYS A 87 14.15 8.92 -10.22
N PRO A 88 14.44 10.19 -10.41
CA PRO A 88 15.05 11.01 -9.34
C PRO A 88 14.02 11.32 -8.25
#